data_7K9Z
#
_entry.id   7K9Z
#
_cell.length_a   87.617
_cell.length_b   87.617
_cell.length_c   325.096
_cell.angle_alpha   90.000
_cell.angle_beta   90.000
_cell.angle_gamma   120.000
#
_symmetry.space_group_name_H-M   'P 32 2 1'
#
loop_
_entity.id
_entity.type
_entity.pdbx_description
1 polymer '52 Fab Heavy Chain'
2 polymer '52 Fab Light Chain'
3 polymer '298 Fab Light Chain'
4 polymer '298 Fab Heavy Chain'
5 polymer 'Spike protein S1'
6 non-polymer 2-acetamido-2-deoxy-beta-D-glucopyranose
#
loop_
_entity_poly.entity_id
_entity_poly.type
_entity_poly.pdbx_seq_one_letter_code
_entity_poly.pdbx_strand_id
1 'polypeptide(L)'
;QVQLVQSGAEVKKPGSSVKVSCKASGYTFTSYGISWVRQAPGQGLEWMGGIIPMFGTTNYAQKFQGRVTITADKSTSTAY
MELSSLRSEDTAVYYCARDRGDTIDYWGQGTLVTVSSASTKGPSVFPLAPSSKSTSGGTAALGCLVKDYFPEPVTVSWNS
GALTSGVHTFPAVLQSSGLYSLSSVVTVPSSSLGTQTYICNVNHKPSNTKVDKKVEPKSC
;
H
2 'polypeptide(L)'
;SDIQMTQSPSSLSASVGDRVTITCRASQGISNNLNWYQQKPGKAPKLLIYAASSLESGVPSRFSGSGSGTDFTLTISSLQ
PEDFATYYCQQGNGFPLTFGPGTKVDIKRTVAAPSVFIFPPSDEQLKSGTASVVCLLNNFYPREAKVQWKVDNALQSGNS
QESVTEQDSKDSTYSLSSTLTLSKADYEKHKVYACEVTHQGLSSPVTKSFNRGEC
;
L
3 'polypeptide(L)'
;DIVMTQSPDSLAVSLGERATINCKSSQSVLYSSNNKNYLAWYQQKPGQPPKLLIYWASTRESGVPDRFSGSGSGTDFTLT
ISSLQAEDVAVYYCQQYYSTPPTFGQGTKLEIKRTVAAPSVFIFPPSDEQLKSGTASVVCLLNNFYPREAKVQWKVDNAL
QSGNSQESVTEQDSKDSTYSLSSTLTLSKADYEKHKVYACEVTHQGLSSPVTKSFNRGEC
;
A
4 'polypeptide(L)'
;QVQLVQSGAEVKKPGASVKVSCKASGGTFSTYGISWVRQAPGQGLEWMGWISPNSGGTDLAQKFQGRVTMTRDTSTSTVY
MELSSLRSEDTAVYYCASDPRDDIAGGYWGQGTLVTVSSASTKGPSVFPLAPSSKSTSGGTAALGCLVKDYFPEPVTVSW
NSGALTSGVHTFPAVLQSSGLYSLSSVVTVPSSSLGTQTYICNVNHKPSNTKVDKKVEPKSC
;
B
5 'polypeptide(L)'
;RVQPTESIVRFPNITNLCPFGEVFNATRFASVYAWNRKRISNCVADYSVLYNSASFSTFKCYGVSPTKLNDLCFTNVYAD
SFVIRGDEVRQIAPGQTGKIADYNYKLPDDFTGCVIAWNSNNLDSKVGGNYNYLYRLFRKSNLKPFERDISTEIYQAGST
PCNGVEGFNCYFPLQSYGFQPTNGVGYQPYRVVVLSFELLHAPATVCGPKKSTNLVKNKCVNFHHHHH
;
E
#
loop_
_chem_comp.id
_chem_comp.type
_chem_comp.name
_chem_comp.formula
NAG D-saccharide, beta linking 2-acetamido-2-deoxy-beta-D-glucopyranose 'C8 H15 N O6'
#
# COMPACT_ATOMS: atom_id res chain seq x y z
N GLN A 1 5.72 -14.23 -6.53
CA GLN A 1 4.79 -15.06 -5.77
C GLN A 1 3.37 -14.49 -5.86
N VAL A 2 3.26 -13.33 -6.52
CA VAL A 2 1.94 -12.72 -6.74
C VAL A 2 1.09 -13.66 -7.59
N GLN A 3 -0.16 -13.84 -7.18
CA GLN A 3 -1.03 -14.79 -7.87
C GLN A 3 -2.48 -14.36 -7.71
N LEU A 4 -3.20 -14.31 -8.83
CA LEU A 4 -4.60 -13.91 -8.87
C LEU A 4 -5.43 -15.05 -9.44
N VAL A 5 -6.53 -15.38 -8.77
CA VAL A 5 -7.42 -16.46 -9.19
C VAL A 5 -8.79 -15.87 -9.48
N GLN A 6 -9.32 -16.16 -10.67
CA GLN A 6 -10.60 -15.63 -11.09
C GLN A 6 -11.68 -16.71 -11.01
N SER A 7 -12.93 -16.26 -11.15
CA SER A 7 -14.07 -17.18 -11.07
C SER A 7 -14.14 -18.04 -12.32
N GLY A 8 -15.03 -19.04 -12.27
CA GLY A 8 -15.20 -19.93 -13.39
C GLY A 8 -15.99 -19.31 -14.53
N ALA A 9 -15.84 -19.91 -15.71
CA ALA A 9 -16.54 -19.44 -16.89
C ALA A 9 -18.04 -19.64 -16.73
N GLU A 10 -18.82 -18.66 -17.21
CA GLU A 10 -20.26 -18.67 -17.07
C GLU A 10 -20.93 -18.38 -18.40
N VAL A 11 -22.13 -18.91 -18.56
CA VAL A 11 -22.95 -18.69 -19.75
C VAL A 11 -24.19 -17.89 -19.34
N LYS A 12 -24.44 -16.78 -20.01
CA LYS A 12 -25.54 -15.89 -19.67
C LYS A 12 -26.38 -15.61 -20.90
N LYS A 13 -27.68 -15.44 -20.68
CA LYS A 13 -28.59 -15.06 -21.75
C LYS A 13 -28.50 -13.56 -22.01
N PRO A 14 -28.76 -13.12 -23.24
CA PRO A 14 -28.67 -11.68 -23.54
C PRO A 14 -29.61 -10.87 -22.67
N GLY A 15 -29.09 -9.75 -22.15
CA GLY A 15 -29.82 -8.91 -21.25
C GLY A 15 -29.56 -9.16 -19.78
N SER A 16 -29.05 -10.34 -19.43
CA SER A 16 -28.75 -10.68 -18.05
C SER A 16 -27.44 -10.02 -17.62
N SER A 17 -27.01 -10.32 -16.40
CA SER A 17 -25.81 -9.73 -15.83
C SER A 17 -24.86 -10.83 -15.37
N VAL A 18 -23.57 -10.48 -15.31
CA VAL A 18 -22.53 -11.40 -14.86
C VAL A 18 -21.67 -10.70 -13.81
N LYS A 19 -21.12 -11.50 -12.89
CA LYS A 19 -20.25 -10.99 -11.84
C LYS A 19 -19.02 -11.88 -11.77
N VAL A 20 -17.88 -11.36 -12.22
CA VAL A 20 -16.62 -12.10 -12.22
C VAL A 20 -15.85 -11.74 -10.95
N SER A 21 -15.51 -12.75 -10.16
CA SER A 21 -14.75 -12.55 -8.94
C SER A 21 -13.26 -12.79 -9.19
N CYS A 22 -12.44 -12.16 -8.36
CA CYS A 22 -10.98 -12.25 -8.51
C CYS A 22 -10.36 -12.13 -7.12
N LYS A 23 -9.76 -13.21 -6.64
CA LYS A 23 -9.11 -13.24 -5.34
C LYS A 23 -7.60 -13.08 -5.53
N ALA A 24 -7.05 -12.03 -4.93
CA ALA A 24 -5.63 -11.74 -5.03
C ALA A 24 -4.90 -12.27 -3.79
N SER A 25 -3.66 -12.69 -3.99
CA SER A 25 -2.85 -13.24 -2.91
C SER A 25 -1.38 -13.09 -3.27
N GLY A 26 -0.52 -13.46 -2.33
CA GLY A 26 0.91 -13.41 -2.54
C GLY A 26 1.53 -12.04 -2.44
N TYR A 27 0.74 -11.00 -2.19
CA TYR A 27 1.26 -9.64 -2.06
C TYR A 27 0.34 -8.88 -1.10
N THR A 28 0.71 -7.64 -0.81
CA THR A 28 -0.05 -6.79 0.10
C THR A 28 -1.22 -6.17 -0.66
N PHE A 29 -2.42 -6.65 -0.40
CA PHE A 29 -3.62 -6.04 -0.96
C PHE A 29 -3.75 -4.60 -0.48
N THR A 30 -4.56 -3.83 -1.20
CA THR A 30 -4.85 -2.43 -0.88
C THR A 30 -3.63 -1.53 -1.12
N SER A 31 -2.44 -2.14 -1.21
CA SER A 31 -1.24 -1.38 -1.56
C SER A 31 -1.09 -1.25 -3.07
N TYR A 32 -1.81 -2.05 -3.84
CA TYR A 32 -1.84 -1.96 -5.30
C TYR A 32 -3.28 -1.83 -5.76
N GLY A 33 -3.46 -1.28 -6.96
CA GLY A 33 -4.76 -1.26 -7.58
C GLY A 33 -5.04 -2.54 -8.35
N ILE A 34 -6.27 -2.66 -8.84
CA ILE A 34 -6.70 -3.83 -9.60
C ILE A 34 -7.53 -3.36 -10.79
N SER A 35 -7.27 -3.93 -11.95
CA SER A 35 -7.90 -3.51 -13.19
C SER A 35 -8.52 -4.70 -13.91
N TRP A 36 -9.33 -4.39 -14.92
CA TRP A 36 -10.01 -5.39 -15.72
C TRP A 36 -9.90 -5.02 -17.18
N VAL A 37 -9.53 -5.99 -18.01
CA VAL A 37 -9.46 -5.83 -19.46
C VAL A 37 -10.02 -7.08 -20.09
N ARG A 38 -10.74 -6.92 -21.21
CA ARG A 38 -11.34 -8.04 -21.90
C ARG A 38 -10.73 -8.17 -23.29
N GLN A 39 -10.70 -9.41 -23.78
CA GLN A 39 -10.17 -9.72 -25.11
C GLN A 39 -11.22 -10.52 -25.86
N ALA A 40 -11.83 -9.89 -26.86
CA ALA A 40 -12.78 -10.59 -27.71
C ALA A 40 -12.05 -11.64 -28.54
N PRO A 41 -12.75 -12.71 -28.97
CA PRO A 41 -12.10 -13.74 -29.80
C PRO A 41 -11.42 -13.16 -31.04
N GLY A 42 -10.10 -13.29 -31.09
CA GLY A 42 -9.35 -12.80 -32.24
C GLY A 42 -9.28 -11.29 -32.35
N GLN A 43 -9.25 -10.59 -31.23
CA GLN A 43 -9.20 -9.13 -31.23
C GLN A 43 -8.23 -8.68 -30.16
N GLY A 44 -8.03 -7.36 -30.08
CA GLY A 44 -7.10 -6.79 -29.14
C GLY A 44 -7.67 -6.68 -27.74
N LEU A 45 -6.89 -6.05 -26.86
CA LEU A 45 -7.26 -5.88 -25.46
C LEU A 45 -8.01 -4.56 -25.30
N GLU A 46 -9.16 -4.62 -24.62
CA GLU A 46 -10.01 -3.46 -24.42
C GLU A 46 -10.19 -3.24 -22.93
N TRP A 47 -9.67 -2.12 -22.42
CA TRP A 47 -9.70 -1.84 -20.99
C TRP A 47 -11.13 -1.65 -20.51
N MET A 48 -11.49 -2.37 -19.46
CA MET A 48 -12.82 -2.28 -18.87
C MET A 48 -12.90 -1.17 -17.82
N GLY A 49 -12.15 -1.32 -16.73
CA GLY A 49 -12.17 -0.33 -15.68
C GLY A 49 -11.02 -0.54 -14.71
N GLY A 50 -10.86 0.43 -13.81
CA GLY A 50 -9.82 0.37 -12.80
C GLY A 50 -10.29 0.90 -11.47
N ILE A 51 -9.94 0.21 -10.40
CA ILE A 51 -10.37 0.57 -9.04
C ILE A 51 -9.20 0.44 -8.10
N ILE A 52 -9.08 1.39 -7.18
CA ILE A 52 -8.02 1.41 -6.17
C ILE A 52 -8.65 0.93 -4.84
N PRO A 53 -8.20 -0.19 -4.28
CA PRO A 53 -8.79 -0.64 -3.01
C PRO A 53 -8.49 0.25 -1.83
N MET A 54 -7.46 1.12 -1.93
CA MET A 54 -7.12 2.00 -0.82
C MET A 54 -8.26 2.94 -0.48
N PHE A 55 -8.86 3.56 -1.49
CA PHE A 55 -9.93 4.52 -1.30
C PHE A 55 -11.25 4.10 -1.94
N GLY A 56 -11.28 2.95 -2.63
CA GLY A 56 -12.50 2.51 -3.28
C GLY A 56 -12.89 3.30 -4.51
N THR A 57 -12.02 4.19 -5.00
CA THR A 57 -12.34 4.99 -6.17
C THR A 57 -12.35 4.11 -7.42
N THR A 58 -13.42 4.23 -8.21
CA THR A 58 -13.59 3.44 -9.42
C THR A 58 -13.61 4.35 -10.64
N ASN A 59 -12.91 3.94 -11.69
CA ASN A 59 -12.91 4.65 -12.97
C ASN A 59 -13.16 3.64 -14.08
N TYR A 60 -14.11 3.95 -14.95
CA TYR A 60 -14.53 3.06 -16.02
C TYR A 60 -14.14 3.64 -17.38
N ALA A 61 -14.28 2.81 -18.41
CA ALA A 61 -13.94 3.24 -19.76
C ALA A 61 -14.96 4.24 -20.27
N GLN A 62 -14.78 4.67 -21.52
CA GLN A 62 -15.57 5.79 -22.05
C GLN A 62 -17.06 5.46 -22.05
N LYS A 63 -17.44 4.33 -22.63
CA LYS A 63 -18.83 3.92 -22.70
C LYS A 63 -19.00 2.55 -22.05
N PHE A 64 -18.90 2.53 -20.72
CA PHE A 64 -19.32 1.37 -19.95
C PHE A 64 -20.11 1.79 -18.71
N GLN A 65 -20.46 3.07 -18.60
CA GLN A 65 -21.27 3.57 -17.50
C GLN A 65 -22.68 2.97 -17.58
N GLY A 66 -23.30 2.80 -16.41
CA GLY A 66 -24.58 2.13 -16.31
C GLY A 66 -24.54 0.67 -16.65
N ARG A 67 -23.41 0.15 -17.11
CA ARG A 67 -23.23 -1.26 -17.45
C ARG A 67 -22.25 -1.95 -16.51
N VAL A 68 -21.10 -1.35 -16.26
CA VAL A 68 -20.05 -1.97 -15.44
C VAL A 68 -20.00 -1.28 -14.08
N THR A 69 -19.82 -2.09 -13.03
CA THR A 69 -19.56 -1.60 -11.69
C THR A 69 -18.51 -2.52 -11.08
N ILE A 70 -17.40 -1.94 -10.63
CA ILE A 70 -16.30 -2.71 -10.06
C ILE A 70 -16.24 -2.41 -8.57
N THR A 71 -16.28 -3.47 -7.76
CA THR A 71 -16.22 -3.35 -6.31
C THR A 71 -15.01 -4.11 -5.79
N ALA A 72 -14.63 -3.81 -4.55
CA ALA A 72 -13.51 -4.46 -3.89
C ALA A 72 -13.85 -4.73 -2.44
N ASP A 73 -13.47 -5.91 -1.96
CA ASP A 73 -13.66 -6.31 -0.56
C ASP A 73 -12.27 -6.46 0.04
N LYS A 74 -11.85 -5.47 0.83
CA LYS A 74 -10.50 -5.46 1.39
C LYS A 74 -10.27 -6.62 2.34
N SER A 75 -11.29 -7.01 3.10
CA SER A 75 -11.12 -8.06 4.09
C SER A 75 -10.83 -9.41 3.44
N THR A 76 -11.50 -9.72 2.33
CA THR A 76 -11.33 -10.98 1.64
C THR A 76 -10.28 -10.93 0.54
N SER A 77 -9.66 -9.76 0.32
CA SER A 77 -8.68 -9.58 -0.75
C SER A 77 -9.26 -9.98 -2.10
N THR A 78 -10.50 -9.57 -2.34
CA THR A 78 -11.24 -9.98 -3.52
C THR A 78 -11.85 -8.76 -4.20
N ALA A 79 -11.67 -8.65 -5.51
CA ALA A 79 -12.25 -7.59 -6.31
C ALA A 79 -13.27 -8.19 -7.28
N TYR A 80 -14.43 -7.54 -7.39
CA TYR A 80 -15.54 -8.04 -8.18
C TYR A 80 -15.85 -7.05 -9.30
N MET A 81 -15.78 -7.52 -10.54
CA MET A 81 -16.18 -6.75 -11.70
C MET A 81 -17.51 -7.28 -12.21
N GLU A 82 -18.49 -6.38 -12.37
CA GLU A 82 -19.85 -6.76 -12.71
C GLU A 82 -20.31 -5.97 -13.93
N LEU A 83 -20.80 -6.67 -14.94
CA LEU A 83 -21.31 -6.07 -16.17
C LEU A 83 -22.74 -6.53 -16.39
N SER A 84 -23.66 -5.58 -16.54
CA SER A 84 -25.08 -5.87 -16.61
C SER A 84 -25.63 -5.58 -18.00
N SER A 85 -26.87 -6.01 -18.22
CA SER A 85 -27.56 -5.87 -19.50
C SER A 85 -26.68 -6.35 -20.65
N LEU A 86 -26.10 -7.53 -20.47
CA LEU A 86 -25.12 -8.04 -21.42
C LEU A 86 -25.74 -8.33 -22.77
N ARG A 87 -24.98 -8.07 -23.83
CA ARG A 87 -25.37 -8.35 -25.20
C ARG A 87 -24.33 -9.27 -25.85
N SER A 88 -24.58 -9.60 -27.12
CA SER A 88 -23.70 -10.52 -27.82
C SER A 88 -22.34 -9.91 -28.11
N GLU A 89 -22.25 -8.58 -28.18
CA GLU A 89 -20.97 -7.95 -28.43
C GLU A 89 -20.03 -8.10 -27.23
N ASP A 90 -20.59 -8.21 -26.03
CA ASP A 90 -19.78 -8.28 -24.81
C ASP A 90 -19.20 -9.67 -24.56
N THR A 91 -19.49 -10.66 -25.39
CA THR A 91 -18.95 -11.99 -25.16
C THR A 91 -17.44 -11.99 -25.40
N ALA A 92 -16.69 -12.41 -24.39
CA ALA A 92 -15.23 -12.39 -24.43
C ALA A 92 -14.68 -13.02 -23.16
N VAL A 93 -13.35 -13.06 -23.04
CA VAL A 93 -12.68 -13.52 -21.83
C VAL A 93 -12.16 -12.31 -21.08
N TYR A 94 -12.51 -12.21 -19.80
CA TYR A 94 -12.17 -11.04 -18.98
C TYR A 94 -11.00 -11.40 -18.07
N TYR A 95 -9.98 -10.53 -18.06
CA TYR A 95 -8.75 -10.76 -17.34
C TYR A 95 -8.66 -9.84 -16.13
N CYS A 96 -8.37 -10.41 -14.96
CA CYS A 96 -8.09 -9.67 -13.75
C CYS A 96 -6.58 -9.50 -13.61
N ALA A 97 -6.15 -8.31 -13.20
CA ALA A 97 -4.73 -8.02 -13.18
C ALA A 97 -4.40 -6.97 -12.13
N ARG A 98 -3.36 -7.24 -11.33
CA ARG A 98 -2.87 -6.26 -10.38
C ARG A 98 -2.41 -5.00 -11.10
N ASP A 99 -3.01 -3.87 -10.74
CA ASP A 99 -2.83 -2.62 -11.48
C ASP A 99 -2.01 -1.64 -10.65
N ARG A 100 -0.73 -1.52 -10.97
CA ARG A 100 0.05 -0.38 -10.53
C ARG A 100 -0.46 0.87 -11.26
N GLY A 101 0.16 2.01 -11.00
CA GLY A 101 -0.31 3.23 -11.62
C GLY A 101 -0.11 3.29 -13.12
N ASP A 102 1.14 3.23 -13.57
CA ASP A 102 1.48 3.40 -14.97
C ASP A 102 1.79 2.08 -15.68
N THR A 103 1.46 0.95 -15.07
CA THR A 103 1.78 -0.34 -15.65
C THR A 103 0.92 -1.42 -15.00
N ILE A 104 1.00 -2.63 -15.57
CA ILE A 104 0.33 -3.81 -15.05
C ILE A 104 1.34 -4.95 -15.08
N ASP A 105 1.77 -5.41 -13.90
CA ASP A 105 2.89 -6.34 -13.81
C ASP A 105 2.48 -7.78 -13.54
N TYR A 106 1.24 -8.03 -13.12
CA TYR A 106 0.79 -9.39 -12.84
C TYR A 106 -0.63 -9.58 -13.31
N TRP A 107 -0.86 -10.64 -14.06
CA TRP A 107 -2.13 -10.90 -14.73
C TRP A 107 -2.75 -12.19 -14.22
N GLY A 108 -4.08 -12.22 -14.21
CA GLY A 108 -4.82 -13.38 -13.74
C GLY A 108 -5.10 -14.37 -14.86
N GLN A 109 -5.75 -15.47 -14.48
CA GLN A 109 -6.01 -16.55 -15.41
C GLN A 109 -7.02 -16.14 -16.48
N GLY A 110 -7.98 -15.29 -16.13
CA GLY A 110 -9.05 -14.93 -17.05
C GLY A 110 -10.29 -15.77 -16.82
N THR A 111 -11.43 -15.23 -17.26
CA THR A 111 -12.71 -15.91 -17.11
C THR A 111 -13.52 -15.70 -18.40
N LEU A 112 -13.74 -16.78 -19.13
CA LEU A 112 -14.54 -16.70 -20.35
C LEU A 112 -16.00 -16.44 -20.00
N VAL A 113 -16.61 -15.47 -20.69
CA VAL A 113 -18.02 -15.14 -20.51
C VAL A 113 -18.68 -15.22 -21.89
N THR A 114 -19.55 -16.20 -22.06
CA THR A 114 -20.26 -16.41 -23.33
C THR A 114 -21.71 -15.99 -23.15
N VAL A 115 -22.16 -15.06 -23.99
CA VAL A 115 -23.54 -14.57 -23.97
C VAL A 115 -24.09 -14.70 -25.38
N SER A 116 -24.93 -15.70 -25.61
CA SER A 116 -25.57 -15.91 -26.89
C SER A 116 -27.01 -16.33 -26.68
N SER A 117 -27.84 -16.10 -27.71
CA SER A 117 -29.28 -16.26 -27.56
C SER A 117 -29.69 -17.73 -27.47
N ALA A 118 -28.92 -18.63 -28.09
CA ALA A 118 -29.30 -20.03 -28.13
C ALA A 118 -28.92 -20.73 -26.82
N SER A 119 -29.29 -22.00 -26.72
CA SER A 119 -28.98 -22.83 -25.56
C SER A 119 -28.18 -24.05 -26.01
N THR A 120 -27.78 -24.87 -25.05
CA THR A 120 -26.91 -26.00 -25.33
C THR A 120 -27.58 -26.99 -26.28
N LYS A 121 -26.81 -27.49 -27.24
CA LYS A 121 -27.32 -28.39 -28.26
C LYS A 121 -26.18 -29.27 -28.76
N GLY A 122 -26.46 -30.55 -28.93
CA GLY A 122 -25.47 -31.50 -29.39
C GLY A 122 -25.03 -31.24 -30.82
N PRO A 123 -23.75 -31.48 -31.11
CA PRO A 123 -23.24 -31.22 -32.45
C PRO A 123 -23.74 -32.26 -33.45
N SER A 124 -23.76 -31.84 -34.72
CA SER A 124 -24.12 -32.70 -35.83
C SER A 124 -22.93 -32.76 -36.78
N VAL A 125 -22.28 -33.92 -36.85
CA VAL A 125 -21.07 -34.09 -37.64
C VAL A 125 -21.45 -34.67 -39.01
N PHE A 126 -20.85 -34.11 -40.06
CA PHE A 126 -21.10 -34.51 -41.42
C PHE A 126 -19.80 -34.92 -42.08
N PRO A 127 -19.72 -36.11 -42.70
CA PRO A 127 -18.44 -36.59 -43.19
C PRO A 127 -18.01 -35.91 -44.49
N LEU A 128 -16.71 -35.66 -44.59
CA LEU A 128 -16.11 -35.18 -45.83
C LEU A 128 -15.56 -36.36 -46.62
N ALA A 129 -15.60 -36.23 -47.95
CA ALA A 129 -15.22 -37.32 -48.83
C ALA A 129 -14.31 -36.84 -49.96
N PRO A 130 -13.18 -37.51 -50.20
CA PRO A 130 -12.30 -37.11 -51.30
C PRO A 130 -12.56 -37.88 -52.59
N SER A 131 -12.03 -37.38 -53.70
CA SER A 131 -12.13 -38.05 -54.98
C SER A 131 -11.11 -37.45 -55.94
N SER A 132 -10.79 -38.19 -56.99
CA SER A 132 -9.81 -37.78 -58.00
C SER A 132 -8.47 -37.39 -57.37
N GLY A 138 1.67 -38.40 -54.88
CA GLY A 138 0.70 -37.43 -54.40
C GLY A 138 -0.16 -37.95 -53.27
N THR A 139 -0.66 -37.05 -52.43
CA THR A 139 -1.51 -37.38 -51.30
C THR A 139 -2.90 -36.81 -51.49
N ALA A 140 -3.83 -37.28 -50.68
CA ALA A 140 -5.22 -36.84 -50.68
C ALA A 140 -5.60 -36.33 -49.30
N ALA A 141 -6.74 -35.63 -49.25
CA ALA A 141 -7.22 -35.03 -48.02
C ALA A 141 -8.66 -35.41 -47.76
N LEU A 142 -8.98 -35.67 -46.49
CA LEU A 142 -10.33 -35.97 -46.06
C LEU A 142 -10.51 -35.39 -44.66
N GLY A 143 -11.70 -35.57 -44.09
CA GLY A 143 -11.93 -35.09 -42.74
C GLY A 143 -13.39 -35.16 -42.36
N CYS A 144 -13.75 -34.39 -41.33
CA CYS A 144 -15.10 -34.35 -40.79
C CYS A 144 -15.49 -32.91 -40.52
N LEU A 145 -16.77 -32.70 -40.21
CA LEU A 145 -17.31 -31.36 -40.02
C LEU A 145 -18.43 -31.42 -38.99
N VAL A 146 -18.24 -30.75 -37.86
CA VAL A 146 -19.26 -30.67 -36.81
C VAL A 146 -19.97 -29.33 -36.93
N LYS A 147 -21.27 -29.32 -36.63
CA LYS A 147 -22.08 -28.11 -36.76
C LYS A 147 -23.25 -28.18 -35.80
N ASP A 148 -23.86 -27.03 -35.56
CA ASP A 148 -25.06 -26.91 -34.72
C ASP A 148 -24.76 -27.35 -33.28
N TYR A 149 -23.68 -26.83 -32.71
CA TYR A 149 -23.34 -27.06 -31.32
C TYR A 149 -23.08 -25.71 -30.66
N PHE A 150 -23.74 -25.48 -29.52
CA PHE A 150 -23.66 -24.19 -28.84
C PHE A 150 -22.42 -24.11 -27.95
N PRO A 151 -22.15 -25.09 -27.07
CA PRO A 151 -20.96 -24.99 -26.23
C PRO A 151 -19.68 -25.10 -27.07
N GLU A 152 -18.74 -24.21 -26.80
CA GLU A 152 -17.50 -24.18 -27.57
C GLU A 152 -16.64 -25.44 -27.43
N PRO A 153 -16.42 -26.00 -26.23
CA PRO A 153 -15.51 -27.15 -26.13
C PRO A 153 -15.99 -28.34 -26.95
N VAL A 154 -15.11 -28.82 -27.82
CA VAL A 154 -15.38 -30.00 -28.65
C VAL A 154 -14.03 -30.57 -29.10
N THR A 155 -13.92 -31.89 -29.09
CA THR A 155 -12.65 -32.56 -29.36
C THR A 155 -12.83 -33.60 -30.45
N VAL A 156 -11.72 -33.88 -31.15
CA VAL A 156 -11.65 -34.91 -32.18
C VAL A 156 -10.43 -35.77 -31.90
N SER A 157 -10.54 -37.08 -32.16
CA SER A 157 -9.44 -37.99 -31.90
C SER A 157 -9.10 -38.94 -33.05
N TRP A 158 -9.92 -38.96 -34.11
CA TRP A 158 -9.66 -39.78 -35.32
C TRP A 158 -9.56 -41.24 -34.88
N ASN A 159 -8.56 -41.99 -35.33
CA ASN A 159 -8.47 -43.42 -35.03
C ASN A 159 -8.05 -43.67 -33.59
N SER A 160 -8.77 -43.06 -32.64
CA SER A 160 -8.55 -43.26 -31.20
C SER A 160 -7.11 -42.94 -30.81
N GLY A 161 -6.58 -41.86 -31.37
CA GLY A 161 -5.24 -41.41 -31.06
C GLY A 161 -4.13 -42.02 -31.89
N ALA A 162 -4.45 -43.02 -32.72
CA ALA A 162 -3.43 -43.63 -33.57
C ALA A 162 -3.07 -42.76 -34.75
N LEU A 163 -4.06 -42.07 -35.32
CA LEU A 163 -3.84 -41.16 -36.46
C LEU A 163 -3.48 -39.79 -35.89
N THR A 164 -2.19 -39.46 -35.92
CA THR A 164 -1.72 -38.20 -35.35
C THR A 164 -0.84 -37.39 -36.28
N SER A 165 -0.45 -37.91 -37.44
CA SER A 165 0.40 -37.20 -38.38
C SER A 165 -0.43 -36.62 -39.50
N GLY A 166 -0.29 -35.30 -39.73
CA GLY A 166 -1.02 -34.63 -40.78
C GLY A 166 -2.41 -34.17 -40.42
N VAL A 167 -2.89 -34.49 -39.22
CA VAL A 167 -4.22 -34.05 -38.79
C VAL A 167 -4.17 -32.59 -38.37
N HIS A 168 -5.19 -31.83 -38.76
CA HIS A 168 -5.27 -30.40 -38.45
C HIS A 168 -6.69 -30.10 -37.99
N THR A 169 -6.86 -29.93 -36.68
CA THR A 169 -8.14 -29.50 -36.12
C THR A 169 -8.15 -27.98 -36.03
N PHE A 170 -9.13 -27.35 -36.67
CA PHE A 170 -9.18 -25.91 -36.82
C PHE A 170 -9.72 -25.27 -35.55
N PRO A 171 -9.75 -23.93 -35.47
CA PRO A 171 -10.52 -23.26 -34.42
C PRO A 171 -11.97 -23.08 -34.83
N ALA A 172 -12.86 -23.19 -33.84
CA ALA A 172 -14.29 -23.11 -34.10
C ALA A 172 -14.70 -21.67 -34.42
N VAL A 173 -15.65 -21.52 -35.34
CA VAL A 173 -16.17 -20.23 -35.76
C VAL A 173 -17.68 -20.23 -35.56
N LEU A 174 -18.23 -19.09 -35.14
CA LEU A 174 -19.65 -18.96 -34.89
C LEU A 174 -20.35 -18.43 -36.13
N GLN A 175 -21.31 -19.20 -36.65
CA GLN A 175 -22.05 -18.80 -37.83
C GLN A 175 -23.04 -17.69 -37.50
N SER A 176 -23.49 -16.98 -38.53
CA SER A 176 -24.41 -15.87 -38.35
C SER A 176 -25.72 -16.33 -37.74
N SER A 177 -26.02 -15.82 -36.54
CA SER A 177 -27.20 -16.22 -35.78
C SER A 177 -27.25 -17.74 -35.59
N GLY A 178 -26.08 -18.37 -35.52
CA GLY A 178 -26.00 -19.80 -35.47
C GLY A 178 -25.01 -20.27 -34.42
N LEU A 179 -25.10 -21.56 -34.12
CA LEU A 179 -24.19 -22.20 -33.18
C LEU A 179 -22.82 -22.37 -33.84
N TYR A 180 -21.81 -22.63 -33.01
CA TYR A 180 -20.44 -22.70 -33.50
C TYR A 180 -20.29 -23.80 -34.56
N SER A 181 -19.22 -23.67 -35.36
CA SER A 181 -18.95 -24.60 -36.44
C SER A 181 -17.46 -24.89 -36.49
N LEU A 182 -17.11 -26.15 -36.80
CA LEU A 182 -15.73 -26.58 -36.79
C LEU A 182 -15.56 -27.73 -37.77
N SER A 183 -14.36 -27.83 -38.34
CA SER A 183 -14.00 -28.89 -39.28
C SER A 183 -12.63 -29.43 -38.93
N SER A 184 -12.50 -30.77 -38.98
CA SER A 184 -11.24 -31.45 -38.78
C SER A 184 -10.86 -32.18 -40.06
N VAL A 185 -9.59 -32.10 -40.44
CA VAL A 185 -9.10 -32.66 -41.70
C VAL A 185 -7.83 -33.47 -41.42
N VAL A 186 -7.43 -34.24 -42.43
CA VAL A 186 -6.22 -35.07 -42.36
C VAL A 186 -5.77 -35.38 -43.78
N THR A 187 -4.46 -35.35 -43.99
CA THR A 187 -3.86 -35.67 -45.27
C THR A 187 -3.29 -37.09 -45.21
N VAL A 188 -3.62 -37.89 -46.22
CA VAL A 188 -3.24 -39.31 -46.27
C VAL A 188 -2.87 -39.65 -47.71
N PRO A 189 -1.84 -40.48 -47.94
CA PRO A 189 -1.50 -40.86 -49.31
C PRO A 189 -2.68 -41.43 -50.07
N SER A 190 -2.74 -41.14 -51.37
CA SER A 190 -3.88 -41.55 -52.18
C SER A 190 -3.90 -43.06 -52.43
N SER A 191 -2.72 -43.70 -52.42
CA SER A 191 -2.67 -45.14 -52.64
C SER A 191 -3.19 -45.92 -51.45
N SER A 192 -3.16 -45.34 -50.25
CA SER A 192 -3.66 -45.98 -49.04
C SER A 192 -5.11 -45.60 -48.73
N LEU A 193 -5.83 -45.06 -49.72
CA LEU A 193 -7.17 -44.55 -49.46
C LEU A 193 -8.16 -45.69 -49.27
N GLY A 194 -8.11 -46.70 -50.14
CA GLY A 194 -9.03 -47.82 -50.07
C GLY A 194 -8.63 -48.95 -49.16
N THR A 195 -7.41 -48.92 -48.62
CA THR A 195 -6.93 -50.03 -47.80
C THR A 195 -7.33 -49.86 -46.35
N GLN A 196 -6.98 -48.73 -45.74
CA GLN A 196 -7.20 -48.49 -44.32
C GLN A 196 -8.45 -47.65 -44.10
N THR A 197 -9.23 -48.03 -43.10
CA THR A 197 -10.43 -47.29 -42.74
C THR A 197 -10.06 -46.07 -41.90
N TYR A 198 -10.86 -45.01 -42.06
CA TYR A 198 -10.65 -43.76 -41.33
C TYR A 198 -11.97 -43.32 -40.70
N ILE A 199 -11.94 -43.08 -39.40
CA ILE A 199 -13.12 -42.68 -38.64
C ILE A 199 -12.72 -41.56 -37.69
N CYS A 200 -13.55 -40.53 -37.60
CA CYS A 200 -13.32 -39.41 -36.70
C CYS A 200 -14.21 -39.58 -35.47
N ASN A 201 -13.59 -39.59 -34.29
CA ASN A 201 -14.31 -39.72 -33.02
C ASN A 201 -14.44 -38.35 -32.39
N VAL A 202 -15.69 -37.88 -32.25
CA VAL A 202 -15.98 -36.55 -31.73
C VAL A 202 -16.68 -36.70 -30.39
N ASN A 203 -16.13 -36.06 -29.36
CA ASN A 203 -16.69 -36.11 -28.01
C ASN A 203 -17.02 -34.69 -27.58
N HIS A 204 -18.30 -34.41 -27.35
CA HIS A 204 -18.76 -33.11 -26.86
C HIS A 204 -19.16 -33.28 -25.41
N LYS A 205 -18.22 -32.96 -24.51
CA LYS A 205 -18.46 -33.09 -23.08
C LYS A 205 -19.70 -32.34 -22.59
N PRO A 206 -19.96 -31.09 -22.99
CA PRO A 206 -21.17 -30.41 -22.49
C PRO A 206 -22.46 -31.15 -22.82
N SER A 207 -22.60 -31.66 -24.04
CA SER A 207 -23.77 -32.47 -24.37
C SER A 207 -23.63 -33.92 -23.96
N ASN A 208 -22.42 -34.36 -23.59
CA ASN A 208 -22.15 -35.73 -23.18
C ASN A 208 -22.58 -36.73 -24.26
N THR A 209 -22.32 -36.38 -25.52
CA THR A 209 -22.70 -37.20 -26.66
C THR A 209 -21.48 -37.42 -27.54
N LYS A 210 -20.98 -38.65 -27.58
CA LYS A 210 -19.90 -39.02 -28.48
C LYS A 210 -20.49 -39.53 -29.79
N VAL A 211 -19.87 -39.16 -30.90
CA VAL A 211 -20.33 -39.53 -32.23
C VAL A 211 -19.13 -39.94 -33.07
N ASP A 212 -19.23 -41.09 -33.73
CA ASP A 212 -18.23 -41.56 -34.68
C ASP A 212 -18.84 -41.57 -36.07
N LYS A 213 -18.06 -41.12 -37.06
CA LYS A 213 -18.53 -41.03 -38.43
C LYS A 213 -17.44 -41.52 -39.37
N LYS A 214 -17.84 -42.30 -40.37
CA LYS A 214 -16.92 -42.86 -41.34
C LYS A 214 -16.79 -41.93 -42.54
N VAL A 215 -15.67 -42.05 -43.24
CA VAL A 215 -15.38 -41.26 -44.43
C VAL A 215 -14.93 -42.18 -45.55
N GLU A 216 -15.45 -41.94 -46.74
CA GLU A 216 -15.19 -42.77 -47.91
C GLU A 216 -15.74 -42.05 -49.14
N PRO A 217 -15.21 -42.36 -50.34
CA PRO A 217 -15.73 -41.75 -51.56
C PRO A 217 -17.14 -42.21 -51.90
N SER B 1 -11.96 13.50 -25.38
CA SER B 1 -11.05 12.93 -26.35
C SER B 1 -10.08 11.97 -25.70
N ASP B 2 -10.04 10.75 -26.21
CA ASP B 2 -9.12 9.74 -25.69
C ASP B 2 -7.81 9.82 -26.46
N ILE B 3 -7.00 8.78 -26.33
CA ILE B 3 -5.70 8.69 -26.99
C ILE B 3 -5.58 7.29 -27.58
N GLN B 4 -5.24 7.23 -28.87
CA GLN B 4 -5.10 5.98 -29.60
C GLN B 4 -3.64 5.57 -29.71
N MET B 5 -3.40 4.26 -29.73
CA MET B 5 -2.06 3.69 -29.82
C MET B 5 -1.95 2.87 -31.09
N THR B 6 -0.86 3.05 -31.83
CA THR B 6 -0.61 2.32 -33.06
C THR B 6 0.73 1.59 -32.97
N GLN B 7 0.83 0.46 -33.69
CA GLN B 7 2.03 -0.34 -33.73
C GLN B 7 2.42 -0.62 -35.17
N SER B 8 3.67 -1.05 -35.36
CA SER B 8 4.18 -1.37 -36.69
C SER B 8 5.39 -2.29 -36.53
N PRO B 9 5.50 -3.35 -37.34
CA PRO B 9 4.53 -3.72 -38.37
C PRO B 9 3.35 -4.52 -37.80
N SER B 10 2.29 -4.67 -38.60
CA SER B 10 1.13 -5.43 -38.16
C SER B 10 1.47 -6.91 -37.96
N SER B 11 2.37 -7.45 -38.78
CA SER B 11 2.77 -8.84 -38.67
C SER B 11 4.21 -8.96 -39.15
N LEU B 12 5.05 -9.62 -38.34
CA LEU B 12 6.46 -9.79 -38.66
C LEU B 12 6.81 -11.27 -38.62
N SER B 13 7.75 -11.67 -39.47
CA SER B 13 8.24 -13.03 -39.54
C SER B 13 9.76 -13.02 -39.53
N ALA B 14 10.34 -13.66 -38.51
CA ALA B 14 11.79 -13.77 -38.38
C ALA B 14 12.11 -15.18 -37.91
N SER B 15 13.37 -15.41 -37.56
CA SER B 15 13.82 -16.73 -37.14
C SER B 15 14.71 -16.58 -35.90
N VAL B 16 15.13 -17.72 -35.35
CA VAL B 16 15.94 -17.72 -34.15
C VAL B 16 17.29 -17.07 -34.41
N GLY B 17 17.71 -16.20 -33.50
CA GLY B 17 18.96 -15.51 -33.61
C GLY B 17 18.89 -14.15 -34.28
N ASP B 18 17.74 -13.78 -34.85
CA ASP B 18 17.61 -12.51 -35.53
C ASP B 18 17.31 -11.39 -34.54
N ARG B 19 17.51 -10.16 -35.02
CA ARG B 19 17.28 -8.95 -34.22
C ARG B 19 15.97 -8.32 -34.71
N VAL B 20 14.94 -8.38 -33.86
CA VAL B 20 13.60 -7.90 -34.20
C VAL B 20 13.35 -6.59 -33.45
N THR B 21 12.84 -5.60 -34.17
CA THR B 21 12.53 -4.30 -33.60
C THR B 21 11.10 -3.93 -33.96
N ILE B 22 10.28 -3.67 -32.95
CA ILE B 22 8.89 -3.26 -33.14
C ILE B 22 8.75 -1.82 -32.68
N THR B 23 7.79 -1.11 -33.27
CA THR B 23 7.55 0.29 -32.95
C THR B 23 6.12 0.49 -32.43
N CYS B 24 5.92 1.62 -31.75
CA CYS B 24 4.65 1.97 -31.15
C CYS B 24 4.55 3.49 -31.11
N ARG B 25 3.37 4.01 -31.45
CA ARG B 25 3.15 5.45 -31.47
C ARG B 25 1.82 5.79 -30.78
N ALA B 26 1.77 7.00 -30.23
CA ALA B 26 0.62 7.49 -29.49
C ALA B 26 0.05 8.74 -30.15
N SER B 27 -1.21 9.03 -29.83
CA SER B 27 -1.84 10.25 -30.35
C SER B 27 -1.21 11.48 -29.71
N GLN B 28 -1.23 11.56 -28.40
CA GLN B 28 -0.61 12.65 -27.66
C GLN B 28 0.58 12.14 -26.85
N GLY B 29 1.44 13.09 -26.46
CA GLY B 29 2.63 12.73 -25.70
C GLY B 29 2.28 12.08 -24.39
N ILE B 30 3.00 11.01 -24.07
CA ILE B 30 2.78 10.25 -22.83
C ILE B 30 4.04 10.15 -21.98
N SER B 31 5.14 10.76 -22.41
CA SER B 31 6.41 10.78 -21.66
C SER B 31 6.85 9.32 -21.45
N ASN B 32 7.18 8.91 -20.24
CA ASN B 32 7.61 7.54 -19.96
C ASN B 32 6.49 6.78 -19.26
N ASN B 33 5.41 6.53 -20.01
CA ASN B 33 4.26 5.80 -19.50
C ASN B 33 3.76 4.80 -20.53
N LEU B 34 4.69 4.09 -21.17
CA LEU B 34 4.36 3.03 -22.12
C LEU B 34 4.87 1.70 -21.59
N ASN B 35 4.09 0.65 -21.80
CA ASN B 35 4.47 -0.69 -21.37
C ASN B 35 4.24 -1.67 -22.51
N TRP B 36 5.03 -2.75 -22.51
CA TRP B 36 4.96 -3.78 -23.52
C TRP B 36 4.51 -5.09 -22.89
N TYR B 37 3.60 -5.79 -23.57
CA TYR B 37 3.04 -7.04 -23.07
C TYR B 37 3.15 -8.12 -24.12
N GLN B 38 3.47 -9.34 -23.68
CA GLN B 38 3.57 -10.51 -24.54
C GLN B 38 2.42 -11.46 -24.21
N GLN B 39 1.62 -11.81 -25.22
CA GLN B 39 0.54 -12.75 -25.06
C GLN B 39 0.71 -13.90 -26.04
N LYS B 40 0.65 -15.12 -25.53
CA LYS B 40 0.65 -16.30 -26.36
C LYS B 40 -0.77 -16.87 -26.46
N PRO B 41 -1.09 -17.55 -27.55
CA PRO B 41 -2.45 -18.08 -27.72
C PRO B 41 -2.85 -18.98 -26.56
N GLY B 42 -4.04 -18.73 -26.02
CA GLY B 42 -4.56 -19.49 -24.91
C GLY B 42 -4.11 -19.05 -23.54
N LYS B 43 -3.17 -18.11 -23.46
CA LYS B 43 -2.63 -17.65 -22.18
C LYS B 43 -2.83 -16.15 -22.04
N ALA B 44 -2.51 -15.65 -20.85
CA ALA B 44 -2.66 -14.25 -20.47
C ALA B 44 -1.43 -13.45 -20.87
N PRO B 45 -1.56 -12.13 -21.00
CA PRO B 45 -0.39 -11.30 -21.29
C PRO B 45 0.57 -11.24 -20.11
N LYS B 46 1.84 -11.05 -20.42
CA LYS B 46 2.88 -10.85 -19.43
C LYS B 46 3.55 -9.50 -19.65
N LEU B 47 3.82 -8.78 -18.57
CA LEU B 47 4.49 -7.49 -18.69
C LEU B 47 5.95 -7.71 -19.06
N LEU B 48 6.34 -7.22 -20.24
CA LEU B 48 7.72 -7.36 -20.67
C LEU B 48 8.58 -6.22 -20.12
N ILE B 49 8.16 -4.99 -20.35
CA ILE B 49 8.94 -3.80 -20.00
C ILE B 49 7.98 -2.70 -19.59
N TYR B 50 8.23 -2.10 -18.44
CA TYR B 50 7.41 -1.01 -17.92
C TYR B 50 8.13 0.32 -18.09
N ALA B 51 7.33 1.39 -18.13
CA ALA B 51 7.82 2.75 -18.34
C ALA B 51 8.59 2.90 -19.66
N ALA B 52 8.43 1.93 -20.57
CA ALA B 52 8.99 2.00 -21.91
C ALA B 52 10.51 1.95 -21.90
N SER B 53 11.11 1.88 -20.72
CA SER B 53 12.56 1.87 -20.63
C SER B 53 13.14 0.89 -19.61
N SER B 54 12.40 0.50 -18.58
CA SER B 54 12.94 -0.36 -17.53
C SER B 54 12.46 -1.79 -17.70
N LEU B 55 13.29 -2.73 -17.26
CA LEU B 55 13.01 -4.15 -17.40
C LEU B 55 12.27 -4.67 -16.17
N GLU B 56 11.29 -5.53 -16.41
CA GLU B 56 10.48 -6.12 -15.35
C GLU B 56 11.12 -7.42 -14.85
N SER B 57 10.90 -7.70 -13.56
CA SER B 57 11.43 -8.91 -12.95
C SER B 57 10.97 -10.15 -13.70
N GLY B 58 11.90 -11.06 -13.99
CA GLY B 58 11.58 -12.28 -14.68
C GLY B 58 11.60 -12.20 -16.18
N VAL B 59 12.20 -11.16 -16.76
CA VAL B 59 12.27 -10.97 -18.20
C VAL B 59 13.74 -11.00 -18.60
N PRO B 60 14.13 -11.76 -19.63
CA PRO B 60 15.54 -11.83 -20.02
C PRO B 60 16.07 -10.48 -20.48
N SER B 61 17.40 -10.36 -20.47
CA SER B 61 18.05 -9.10 -20.77
C SER B 61 18.01 -8.74 -22.25
N ARG B 62 17.69 -9.70 -23.13
CA ARG B 62 17.67 -9.41 -24.55
C ARG B 62 16.53 -8.46 -24.92
N PHE B 63 15.50 -8.35 -24.08
CA PHE B 63 14.43 -7.41 -24.31
C PHE B 63 14.86 -6.01 -23.90
N SER B 64 14.56 -5.03 -24.76
CA SER B 64 14.99 -3.66 -24.51
C SER B 64 13.96 -2.70 -25.10
N GLY B 65 13.57 -1.70 -24.31
CA GLY B 65 12.65 -0.69 -24.76
C GLY B 65 13.27 0.69 -24.83
N SER B 66 12.67 1.58 -25.61
CA SER B 66 13.20 2.93 -25.78
C SER B 66 12.09 3.83 -26.30
N GLY B 67 12.34 5.13 -26.24
CA GLY B 67 11.43 6.12 -26.78
C GLY B 67 11.03 7.15 -25.74
N SER B 68 10.29 8.15 -26.23
CA SER B 68 9.79 9.24 -25.40
C SER B 68 8.70 9.97 -26.17
N GLY B 69 7.89 10.72 -25.44
CA GLY B 69 6.83 11.50 -26.04
C GLY B 69 5.76 10.65 -26.70
N THR B 70 5.88 10.46 -28.01
CA THR B 70 4.91 9.67 -28.77
C THR B 70 5.51 8.52 -29.55
N ASP B 71 6.84 8.43 -29.66
CA ASP B 71 7.50 7.39 -30.45
C ASP B 71 8.28 6.48 -29.53
N PHE B 72 8.01 5.18 -29.61
CA PHE B 72 8.68 4.18 -28.79
C PHE B 72 8.99 2.95 -29.63
N THR B 73 10.10 2.28 -29.30
CA THR B 73 10.55 1.10 -30.02
C THR B 73 10.94 0.01 -29.03
N LEU B 74 10.49 -1.22 -29.28
CA LEU B 74 10.87 -2.39 -28.50
C LEU B 74 11.74 -3.29 -29.37
N THR B 75 12.91 -3.67 -28.86
CA THR B 75 13.86 -4.46 -29.62
C THR B 75 14.24 -5.71 -28.84
N ILE B 76 14.65 -6.74 -29.58
CA ILE B 76 15.12 -8.00 -29.01
C ILE B 76 16.53 -8.27 -29.54
N SER B 77 17.44 -8.64 -28.65
CA SER B 77 18.82 -8.90 -29.05
C SER B 77 18.90 -10.06 -30.02
N SER B 78 18.32 -11.20 -29.65
CA SER B 78 18.27 -12.36 -30.53
C SER B 78 16.99 -13.13 -30.24
N LEU B 79 16.28 -13.51 -31.29
CA LEU B 79 15.00 -14.20 -31.11
C LEU B 79 15.21 -15.62 -30.63
N GLN B 80 14.25 -16.11 -29.86
CA GLN B 80 14.28 -17.46 -29.29
C GLN B 80 12.95 -18.14 -29.55
N PRO B 81 12.94 -19.48 -29.58
CA PRO B 81 11.68 -20.20 -29.86
C PRO B 81 10.54 -19.82 -28.93
N GLU B 82 10.83 -19.43 -27.69
CA GLU B 82 9.80 -18.99 -26.76
C GLU B 82 9.38 -17.55 -26.96
N ASP B 83 10.06 -16.80 -27.85
CA ASP B 83 9.74 -15.40 -28.08
C ASP B 83 8.67 -15.21 -29.16
N PHE B 84 8.28 -16.28 -29.86
CA PHE B 84 7.29 -16.17 -30.93
C PHE B 84 5.90 -16.08 -30.30
N ALA B 85 5.33 -14.88 -30.31
CA ALA B 85 4.02 -14.63 -29.73
C ALA B 85 3.54 -13.27 -30.24
N THR B 86 2.43 -12.79 -29.69
CA THR B 86 1.86 -11.49 -30.04
C THR B 86 2.24 -10.47 -28.97
N TYR B 87 2.63 -9.27 -29.41
CA TYR B 87 3.10 -8.22 -28.53
C TYR B 87 2.22 -6.99 -28.65
N TYR B 88 1.99 -6.32 -27.51
CA TYR B 88 1.16 -5.13 -27.45
C TYR B 88 1.92 -4.02 -26.74
N CYS B 89 1.50 -2.78 -26.99
CA CYS B 89 1.96 -1.62 -26.24
C CYS B 89 0.75 -0.87 -25.69
N GLN B 90 0.87 -0.38 -24.47
CA GLN B 90 -0.20 0.38 -23.83
C GLN B 90 0.35 1.69 -23.30
N GLN B 91 -0.55 2.66 -23.12
CA GLN B 91 -0.22 3.91 -22.48
C GLN B 91 -0.77 3.91 -21.05
N GLY B 92 0.06 4.36 -20.11
CA GLY B 92 -0.36 4.47 -18.73
C GLY B 92 -0.30 5.90 -18.25
N ASN B 93 -0.43 6.84 -19.19
CA ASN B 93 -0.31 8.25 -18.90
C ASN B 93 -1.65 8.95 -18.69
N GLY B 94 -2.77 8.29 -19.01
CA GLY B 94 -4.05 8.94 -18.88
C GLY B 94 -5.18 7.94 -18.88
N PHE B 95 -6.40 8.49 -18.91
CA PHE B 95 -7.63 7.72 -18.92
C PHE B 95 -8.48 8.06 -20.14
N PRO B 96 -9.13 7.07 -20.77
CA PRO B 96 -9.06 5.65 -20.42
C PRO B 96 -7.77 4.98 -20.88
N LEU B 97 -7.38 3.90 -20.21
CA LEU B 97 -6.22 3.13 -20.64
C LEU B 97 -6.49 2.49 -22.00
N THR B 98 -5.56 2.66 -22.93
CA THR B 98 -5.70 2.15 -24.28
C THR B 98 -4.46 1.34 -24.67
N PHE B 99 -4.68 0.33 -25.49
CA PHE B 99 -3.63 -0.54 -26.00
C PHE B 99 -3.42 -0.27 -27.48
N GLY B 100 -2.48 -1.02 -28.07
CA GLY B 100 -2.24 -0.96 -29.48
C GLY B 100 -2.98 -2.06 -30.22
N PRO B 101 -2.87 -2.09 -31.55
CA PRO B 101 -3.56 -3.15 -32.30
C PRO B 101 -2.97 -4.53 -32.06
N GLY B 102 -1.65 -4.62 -31.92
CA GLY B 102 -0.99 -5.90 -31.73
C GLY B 102 0.00 -6.21 -32.83
N THR B 103 0.94 -7.11 -32.55
CA THR B 103 1.97 -7.49 -33.51
C THR B 103 2.28 -8.96 -33.33
N LYS B 104 1.88 -9.79 -34.29
CA LYS B 104 2.14 -11.22 -34.26
C LYS B 104 3.53 -11.51 -34.82
N VAL B 105 4.17 -12.53 -34.25
CA VAL B 105 5.51 -12.93 -34.66
C VAL B 105 5.52 -14.44 -34.85
N ASP B 106 5.91 -14.89 -36.04
CA ASP B 106 6.01 -16.30 -36.36
C ASP B 106 7.40 -16.60 -36.90
N ILE B 107 7.74 -17.89 -36.95
CA ILE B 107 9.07 -18.30 -37.33
C ILE B 107 9.17 -18.37 -38.85
N LYS B 108 10.33 -17.97 -39.38
CA LYS B 108 10.51 -17.83 -40.81
C LYS B 108 10.72 -19.20 -41.45
N ARG B 109 10.29 -19.32 -42.72
CA ARG B 109 10.34 -20.57 -43.43
C ARG B 109 10.38 -20.28 -44.93
N THR B 110 10.90 -21.26 -45.69
CA THR B 110 10.87 -21.15 -47.14
C THR B 110 9.43 -21.10 -47.63
N VAL B 111 9.19 -20.26 -48.65
CA VAL B 111 7.83 -20.06 -49.14
C VAL B 111 7.29 -21.37 -49.70
N ALA B 112 6.10 -21.76 -49.23
CA ALA B 112 5.49 -23.02 -49.63
C ALA B 112 4.09 -22.75 -50.17
N ALA B 113 3.79 -23.31 -51.33
CA ALA B 113 2.48 -23.17 -51.94
C ALA B 113 1.45 -24.04 -51.21
N PRO B 114 0.20 -23.56 -51.09
CA PRO B 114 -0.80 -24.33 -50.34
C PRO B 114 -1.48 -25.42 -51.17
N SER B 115 -1.47 -26.65 -50.68
CA SER B 115 -2.25 -27.71 -51.29
C SER B 115 -3.73 -27.46 -51.01
N VAL B 116 -4.52 -27.31 -52.07
CA VAL B 116 -5.91 -26.91 -51.98
C VAL B 116 -6.80 -28.08 -52.34
N PHE B 117 -7.87 -28.27 -51.56
CA PHE B 117 -8.86 -29.31 -51.80
C PHE B 117 -10.25 -28.71 -51.67
N ILE B 118 -11.24 -29.43 -52.19
CA ILE B 118 -12.62 -28.98 -52.18
C ILE B 118 -13.52 -30.18 -51.87
N PHE B 119 -14.55 -29.95 -51.05
CA PHE B 119 -15.40 -31.01 -50.56
C PHE B 119 -16.87 -30.71 -50.83
N PRO B 120 -17.63 -31.71 -51.29
CA PRO B 120 -19.07 -31.51 -51.48
C PRO B 120 -19.84 -31.81 -50.19
N PRO B 121 -21.09 -31.36 -50.10
CA PRO B 121 -21.91 -31.75 -48.96
C PRO B 121 -22.41 -33.18 -49.12
N SER B 122 -22.46 -33.91 -48.00
CA SER B 122 -22.95 -35.27 -48.03
C SER B 122 -24.49 -35.27 -48.00
N ASP B 123 -25.06 -36.41 -48.37
CA ASP B 123 -26.52 -36.52 -48.46
C ASP B 123 -27.19 -36.55 -47.09
N GLU B 124 -26.44 -36.82 -46.02
CA GLU B 124 -27.05 -36.97 -44.71
C GLU B 124 -27.56 -35.63 -44.18
N GLN B 125 -26.84 -34.55 -44.43
CA GLN B 125 -27.28 -33.24 -43.97
C GLN B 125 -28.43 -32.69 -44.80
N LEU B 126 -28.42 -32.96 -46.11
CA LEU B 126 -29.44 -32.41 -47.01
C LEU B 126 -30.85 -32.76 -46.53
N LYS B 127 -31.01 -33.90 -45.86
CA LYS B 127 -32.29 -34.23 -45.26
C LYS B 127 -32.58 -33.35 -44.05
N SER B 128 -31.56 -33.12 -43.21
CA SER B 128 -31.75 -32.33 -42.00
C SER B 128 -31.63 -30.84 -42.29
N GLY B 129 -30.49 -30.42 -42.84
CA GLY B 129 -30.25 -29.02 -43.11
C GLY B 129 -29.18 -28.82 -44.14
N THR B 130 -29.33 -27.78 -44.94
CA THR B 130 -28.39 -27.50 -46.01
C THR B 130 -26.99 -27.24 -45.45
N ALA B 131 -26.00 -27.92 -46.01
CA ALA B 131 -24.61 -27.75 -45.59
C ALA B 131 -23.81 -27.06 -46.70
N SER B 132 -22.58 -26.70 -46.35
CA SER B 132 -21.76 -25.81 -47.16
C SER B 132 -20.65 -26.57 -47.86
N VAL B 133 -20.07 -25.91 -48.86
CA VAL B 133 -18.89 -26.42 -49.54
C VAL B 133 -17.65 -25.99 -48.77
N VAL B 134 -16.71 -26.92 -48.58
CA VAL B 134 -15.54 -26.70 -47.75
C VAL B 134 -14.30 -26.78 -48.63
N CYS B 135 -13.60 -25.66 -48.79
CA CYS B 135 -12.34 -25.59 -49.52
C CYS B 135 -11.25 -25.25 -48.52
N LEU B 136 -10.25 -26.13 -48.40
CA LEU B 136 -9.21 -25.97 -47.40
C LEU B 136 -7.84 -25.82 -48.07
N LEU B 137 -7.06 -24.90 -47.55
CA LEU B 137 -5.63 -24.81 -47.87
C LEU B 137 -4.83 -25.56 -46.81
N ASN B 138 -3.62 -25.96 -47.17
CA ASN B 138 -2.81 -26.73 -46.25
C ASN B 138 -1.33 -26.53 -46.56
N ASN B 139 -0.54 -26.34 -45.49
CA ASN B 139 0.91 -26.28 -45.55
C ASN B 139 1.40 -25.16 -46.47
N PHE B 140 1.03 -23.94 -46.10
CA PHE B 140 1.55 -22.72 -46.71
C PHE B 140 2.15 -21.86 -45.61
N TYR B 141 3.38 -21.38 -45.84
CA TYR B 141 4.06 -20.63 -44.78
C TYR B 141 3.50 -19.22 -44.61
N PRO B 142 3.40 -18.38 -45.64
CA PRO B 142 2.83 -17.04 -45.43
C PRO B 142 1.33 -17.14 -45.22
N ARG B 143 0.86 -16.71 -44.05
CA ARG B 143 -0.57 -16.77 -43.75
C ARG B 143 -1.37 -15.91 -44.71
N GLU B 144 -0.77 -14.88 -45.28
CA GLU B 144 -1.43 -13.99 -46.23
C GLU B 144 -2.00 -14.77 -47.40
N ALA B 145 -3.33 -14.87 -47.47
CA ALA B 145 -4.00 -15.59 -48.54
C ALA B 145 -5.44 -15.12 -48.63
N LYS B 146 -5.99 -15.16 -49.84
CA LYS B 146 -7.37 -14.78 -50.10
C LYS B 146 -8.09 -15.97 -50.71
N VAL B 147 -9.07 -16.51 -49.99
CA VAL B 147 -9.88 -17.60 -50.49
C VAL B 147 -11.06 -17.00 -51.25
N GLN B 148 -11.04 -17.17 -52.57
CA GLN B 148 -12.09 -16.65 -53.43
C GLN B 148 -13.10 -17.75 -53.71
N TRP B 149 -14.36 -17.47 -53.40
CA TRP B 149 -15.46 -18.42 -53.58
C TRP B 149 -16.30 -17.97 -54.77
N LYS B 150 -16.50 -18.86 -55.74
CA LYS B 150 -17.12 -18.49 -57.00
C LYS B 150 -18.23 -19.44 -57.41
N VAL B 151 -19.10 -18.94 -58.27
CA VAL B 151 -20.13 -19.72 -58.95
C VAL B 151 -20.25 -19.16 -60.36
N ASP B 152 -20.18 -20.03 -61.37
CA ASP B 152 -20.20 -19.66 -62.78
C ASP B 152 -18.97 -18.80 -63.03
N ASN B 153 -19.09 -17.64 -63.68
CA ASN B 153 -17.98 -16.73 -63.91
C ASN B 153 -17.98 -15.54 -62.96
N ALA B 154 -18.94 -15.48 -62.03
CA ALA B 154 -19.05 -14.37 -61.10
C ALA B 154 -18.34 -14.68 -59.79
N LEU B 155 -18.20 -13.66 -58.95
CA LEU B 155 -17.53 -13.75 -57.66
C LEU B 155 -18.52 -13.30 -56.58
N GLN B 156 -18.93 -14.23 -55.73
CA GLN B 156 -19.89 -13.95 -54.67
C GLN B 156 -19.15 -13.91 -53.33
N SER B 157 -19.30 -12.80 -52.61
CA SER B 157 -18.69 -12.60 -51.31
C SER B 157 -19.73 -12.56 -50.19
N GLY B 158 -20.87 -13.24 -50.39
CA GLY B 158 -21.94 -13.16 -49.40
C GLY B 158 -21.54 -13.71 -48.06
N ASN B 159 -21.02 -14.94 -48.03
CA ASN B 159 -20.55 -15.56 -46.79
C ASN B 159 -19.31 -16.40 -47.08
N SER B 160 -18.24 -16.13 -46.35
CA SER B 160 -17.00 -16.91 -46.46
C SER B 160 -16.31 -16.84 -45.09
N GLN B 161 -16.62 -17.82 -44.24
CA GLN B 161 -16.09 -17.86 -42.88
C GLN B 161 -14.74 -18.55 -42.89
N GLU B 162 -13.67 -17.75 -42.83
CA GLU B 162 -12.31 -18.28 -42.87
C GLU B 162 -11.86 -18.65 -41.47
N SER B 163 -11.40 -19.89 -41.30
CA SER B 163 -10.86 -20.39 -40.05
C SER B 163 -9.44 -20.86 -40.30
N VAL B 164 -8.49 -20.31 -39.53
CA VAL B 164 -7.07 -20.54 -39.74
C VAL B 164 -6.47 -21.12 -38.47
N THR B 165 -5.64 -22.15 -38.63
CA THR B 165 -4.90 -22.71 -37.52
C THR B 165 -3.67 -21.86 -37.20
N GLU B 166 -3.17 -22.02 -35.97
CA GLU B 166 -1.93 -21.38 -35.60
C GLU B 166 -0.76 -22.03 -36.34
N GLN B 167 0.39 -21.37 -36.31
CA GLN B 167 1.57 -21.91 -37.00
C GLN B 167 1.95 -23.25 -36.40
N ASP B 168 2.09 -24.26 -37.27
CA ASP B 168 2.28 -25.63 -36.81
C ASP B 168 3.59 -25.77 -36.05
N SER B 169 3.59 -26.67 -35.06
CA SER B 169 4.75 -26.83 -34.20
C SER B 169 5.88 -27.57 -34.90
N LYS B 170 5.56 -28.38 -35.91
CA LYS B 170 6.56 -29.22 -36.58
C LYS B 170 7.10 -28.58 -37.86
N ASP B 171 6.24 -28.32 -38.84
CA ASP B 171 6.69 -27.83 -40.14
C ASP B 171 6.54 -26.32 -40.31
N SER B 172 5.91 -25.64 -39.34
CA SER B 172 5.78 -24.17 -39.36
C SER B 172 4.98 -23.70 -40.57
N THR B 173 3.81 -24.31 -40.76
CA THR B 173 2.94 -23.99 -41.88
C THR B 173 1.51 -23.79 -41.37
N TYR B 174 0.79 -22.88 -42.01
CA TYR B 174 -0.58 -22.58 -41.65
C TYR B 174 -1.55 -23.44 -42.47
N SER B 175 -2.82 -23.36 -42.10
CA SER B 175 -3.88 -24.08 -42.80
C SER B 175 -5.17 -23.29 -42.66
N LEU B 176 -5.83 -23.03 -43.80
CA LEU B 176 -7.02 -22.20 -43.85
C LEU B 176 -8.24 -23.05 -44.20
N SER B 177 -9.38 -22.71 -43.61
CA SER B 177 -10.65 -23.39 -43.88
C SER B 177 -11.73 -22.34 -44.08
N SER B 178 -12.39 -22.39 -45.23
CA SER B 178 -13.47 -21.47 -45.56
C SER B 178 -14.69 -22.26 -46.04
N THR B 179 -15.87 -21.84 -45.59
CA THR B 179 -17.12 -22.54 -45.89
C THR B 179 -18.11 -21.56 -46.51
N LEU B 180 -18.39 -21.73 -47.80
CA LEU B 180 -19.42 -20.95 -48.48
C LEU B 180 -20.79 -21.55 -48.16
N THR B 181 -21.64 -20.77 -47.51
CA THR B 181 -22.92 -21.25 -47.02
C THR B 181 -24.04 -20.79 -47.95
N LEU B 182 -24.81 -21.75 -48.47
CA LEU B 182 -26.03 -21.48 -49.21
C LEU B 182 -27.05 -22.55 -48.82
N SER B 183 -28.28 -22.40 -49.32
CA SER B 183 -29.33 -23.34 -48.96
C SER B 183 -29.43 -24.45 -50.01
N LYS B 184 -30.21 -25.48 -49.68
CA LYS B 184 -30.34 -26.62 -50.57
C LYS B 184 -31.08 -26.26 -51.85
N ALA B 185 -32.17 -25.49 -51.72
CA ALA B 185 -32.83 -24.97 -52.92
C ALA B 185 -31.90 -24.03 -53.68
N ASP B 186 -31.07 -23.28 -52.95
CA ASP B 186 -30.04 -22.47 -53.60
C ASP B 186 -28.94 -23.34 -54.19
N TYR B 187 -28.71 -24.52 -53.60
CA TYR B 187 -27.66 -25.42 -54.11
C TYR B 187 -27.97 -25.93 -55.51
N GLU B 188 -29.22 -25.83 -55.95
CA GLU B 188 -29.62 -26.27 -57.28
C GLU B 188 -29.63 -25.14 -58.30
N LYS B 189 -29.24 -23.93 -57.90
CA LYS B 189 -29.31 -22.80 -58.84
C LYS B 189 -28.26 -22.92 -59.93
N HIS B 190 -27.07 -23.42 -59.60
CA HIS B 190 -26.04 -23.56 -60.61
C HIS B 190 -25.41 -24.96 -60.64
N LYS B 191 -25.22 -25.58 -59.47
CA LYS B 191 -24.70 -26.94 -59.35
C LYS B 191 -23.25 -27.09 -59.80
N VAL B 192 -22.51 -25.98 -59.92
CA VAL B 192 -21.07 -26.02 -60.18
C VAL B 192 -20.42 -24.98 -59.28
N TYR B 193 -19.50 -25.42 -58.42
CA TYR B 193 -18.89 -24.58 -57.41
C TYR B 193 -17.38 -24.67 -57.53
N ALA B 194 -16.74 -23.53 -57.75
CA ALA B 194 -15.29 -23.46 -57.96
C ALA B 194 -14.65 -22.66 -56.84
N CYS B 195 -13.59 -23.22 -56.25
CA CYS B 195 -12.81 -22.54 -55.22
C CYS B 195 -11.55 -21.97 -55.85
N GLU B 196 -11.31 -20.68 -55.60
CA GLU B 196 -10.15 -19.98 -56.12
C GLU B 196 -9.30 -19.46 -54.97
N VAL B 197 -7.98 -19.59 -55.11
CA VAL B 197 -7.04 -19.24 -54.05
C VAL B 197 -5.90 -18.44 -54.63
N THR B 198 -5.53 -17.34 -53.97
CA THR B 198 -4.37 -16.54 -54.31
C THR B 198 -3.34 -16.67 -53.19
N HIS B 199 -2.08 -16.89 -53.56
CA HIS B 199 -1.03 -17.04 -52.57
C HIS B 199 0.29 -16.56 -53.16
N GLN B 200 1.25 -16.29 -52.26
CA GLN B 200 2.55 -15.78 -52.67
C GLN B 200 3.42 -16.87 -53.28
N GLY B 201 3.23 -18.12 -52.88
CA GLY B 201 4.01 -19.21 -53.43
C GLY B 201 3.52 -19.77 -54.74
N LEU B 202 2.39 -19.28 -55.24
CA LEU B 202 1.83 -19.73 -56.50
C LEU B 202 2.27 -18.79 -57.62
N SER B 203 2.76 -19.38 -58.72
CA SER B 203 3.11 -18.57 -59.88
C SER B 203 1.86 -17.96 -60.52
N SER B 204 0.78 -18.71 -60.55
CA SER B 204 -0.50 -18.27 -61.07
C SER B 204 -1.60 -18.82 -60.16
N PRO B 205 -2.72 -18.11 -60.04
CA PRO B 205 -3.80 -18.58 -59.16
C PRO B 205 -4.27 -19.98 -59.54
N VAL B 206 -4.76 -20.70 -58.53
CA VAL B 206 -5.18 -22.10 -58.67
C VAL B 206 -6.65 -22.21 -58.31
N THR B 207 -7.42 -22.91 -59.14
CA THR B 207 -8.85 -23.07 -58.95
C THR B 207 -9.20 -24.54 -58.80
N LYS B 208 -9.86 -24.89 -57.69
CA LYS B 208 -10.40 -26.22 -57.47
C LYS B 208 -11.92 -26.18 -57.55
N SER B 209 -12.51 -27.19 -58.19
CA SER B 209 -13.94 -27.17 -58.44
C SER B 209 -14.49 -28.59 -58.51
N PHE B 210 -15.77 -28.73 -58.19
CA PHE B 210 -16.52 -29.94 -58.41
C PHE B 210 -17.92 -29.57 -58.89
N ASN B 211 -18.52 -30.45 -59.67
CA ASN B 211 -19.87 -30.25 -60.18
C ASN B 211 -20.86 -31.13 -59.43
N ARG B 212 -22.14 -30.77 -59.57
CA ARG B 212 -23.28 -31.45 -58.94
C ARG B 212 -22.98 -32.03 -57.55
N ASP C 1 21.14 -0.27 11.21
CA ASP C 1 22.10 -0.22 12.31
C ASP C 1 22.87 1.10 12.31
N ILE C 2 22.14 2.20 12.48
CA ILE C 2 22.73 3.52 12.64
C ILE C 2 22.74 3.82 14.14
N VAL C 3 23.92 3.85 14.74
CA VAL C 3 24.02 4.09 16.18
C VAL C 3 23.97 5.59 16.44
N MET C 4 23.16 5.98 17.41
CA MET C 4 23.03 7.37 17.83
C MET C 4 23.69 7.51 19.20
N THR C 5 24.71 8.36 19.28
CA THR C 5 25.48 8.55 20.50
C THR C 5 25.45 10.01 20.89
N GLN C 6 24.89 10.29 22.07
CA GLN C 6 24.77 11.64 22.59
C GLN C 6 25.84 11.90 23.64
N SER C 7 26.21 13.17 23.79
CA SER C 7 27.18 13.59 24.78
C SER C 7 26.70 14.89 25.41
N PRO C 8 26.72 15.00 26.75
CA PRO C 8 27.13 13.92 27.64
C PRO C 8 25.96 13.03 28.06
N ASP C 9 26.25 11.96 28.81
CA ASP C 9 25.18 11.11 29.33
C ASP C 9 24.29 11.87 30.30
N SER C 10 24.85 12.80 31.07
CA SER C 10 24.10 13.58 32.04
C SER C 10 24.61 15.01 32.02
N LEU C 11 23.68 15.96 32.20
CA LEU C 11 24.02 17.38 32.14
C LEU C 11 23.32 18.11 33.28
N ALA C 12 24.05 19.04 33.91
CA ALA C 12 23.54 19.85 35.00
C ALA C 12 23.78 21.32 34.66
N VAL C 13 22.69 22.08 34.53
CA VAL C 13 22.74 23.48 34.12
C VAL C 13 21.86 24.29 35.05
N SER C 14 22.39 25.45 35.51
CA SER C 14 21.65 26.29 36.42
C SER C 14 20.44 26.93 35.73
N LEU C 15 19.54 27.48 36.54
CA LEU C 15 18.34 28.12 36.01
C LEU C 15 18.73 29.40 35.27
N GLY C 16 18.10 29.62 34.12
CA GLY C 16 18.39 30.78 33.30
C GLY C 16 19.61 30.68 32.42
N GLU C 17 20.39 29.60 32.55
CA GLU C 17 21.55 29.39 31.69
C GLU C 17 21.12 28.67 30.42
N ARG C 18 22.08 28.34 29.58
CA ARG C 18 21.82 27.62 28.34
C ARG C 18 22.34 26.19 28.45
N ALA C 19 21.58 25.26 27.91
CA ALA C 19 21.95 23.84 27.91
C ALA C 19 22.21 23.40 26.47
N THR C 20 23.34 22.75 26.26
CA THR C 20 23.75 22.28 24.94
C THR C 20 23.91 20.76 24.98
N ILE C 21 23.09 20.07 24.20
CA ILE C 21 23.11 18.61 24.12
C ILE C 21 23.66 18.23 22.75
N ASN C 22 24.74 17.46 22.73
CA ASN C 22 25.36 17.04 21.50
C ASN C 22 24.85 15.66 21.07
N CYS C 23 24.84 15.44 19.76
CA CYS C 23 24.33 14.19 19.19
C CYS C 23 25.11 13.89 17.92
N LYS C 24 25.69 12.70 17.84
CA LYS C 24 26.49 12.29 16.70
C LYS C 24 25.97 10.96 16.16
N SER C 25 25.70 10.91 14.86
CA SER C 25 25.16 9.72 14.22
C SER C 25 26.29 8.86 13.64
N SER C 26 25.93 7.61 13.32
CA SER C 26 26.91 6.68 12.75
C SER C 26 27.34 7.11 11.36
N GLN C 27 26.45 7.71 10.59
CA GLN C 27 26.77 8.18 9.26
C GLN C 27 25.91 9.40 8.95
N SER C 28 26.21 10.05 7.82
CA SER C 28 25.54 11.28 7.46
C SER C 28 24.03 11.08 7.35
N VAL C 29 23.28 12.09 7.80
CA VAL C 29 21.82 12.02 7.84
C VAL C 29 21.16 12.89 6.79
N LEU C 30 21.94 13.60 5.98
CA LEU C 30 21.40 14.36 4.87
C LEU C 30 21.34 13.48 3.62
N TYR C 31 20.35 13.75 2.78
CA TYR C 31 20.19 13.02 1.53
C TYR C 31 20.63 13.91 0.36
N SER C 32 21.07 13.26 -0.72
CA SER C 32 21.56 14.01 -1.88
C SER C 32 20.43 14.72 -2.60
N SER C 33 19.27 14.06 -2.72
CA SER C 33 18.15 14.66 -3.45
C SER C 33 17.67 15.94 -2.77
N ASN C 34 17.24 15.83 -1.51
CA ASN C 34 16.84 16.98 -0.71
C ASN C 34 17.83 17.15 0.43
N ASN C 35 18.49 18.31 0.47
CA ASN C 35 19.49 18.58 1.49
C ASN C 35 18.84 18.81 2.85
N LYS C 36 18.12 17.81 3.34
CA LYS C 36 17.47 17.86 4.64
C LYS C 36 18.06 16.78 5.53
N ASN C 37 18.45 17.15 6.75
CA ASN C 37 18.95 16.19 7.72
C ASN C 37 17.77 15.51 8.40
N TYR C 38 17.65 14.19 8.19
CA TYR C 38 16.53 13.42 8.72
C TYR C 38 16.74 13.12 10.21
N LEU C 39 16.89 14.18 10.99
CA LEU C 39 17.19 14.11 12.41
C LEU C 39 16.08 14.79 13.20
N ALA C 40 15.72 14.21 14.34
CA ALA C 40 14.66 14.73 15.19
C ALA C 40 15.11 14.76 16.64
N TRP C 41 14.46 15.60 17.42
CA TRP C 41 14.71 15.73 18.85
C TRP C 41 13.42 15.45 19.63
N TYR C 42 13.56 14.76 20.76
CA TYR C 42 12.43 14.39 21.59
C TYR C 42 12.71 14.75 23.05
N GLN C 43 11.68 15.17 23.75
CA GLN C 43 11.72 15.40 25.20
C GLN C 43 10.78 14.43 25.88
N GLN C 44 11.26 13.79 26.95
CA GLN C 44 10.45 12.81 27.67
C GLN C 44 10.56 13.08 29.17
N LYS C 45 9.53 13.69 29.74
CA LYS C 45 9.44 13.80 31.18
C LYS C 45 9.10 12.44 31.79
N PRO C 46 9.52 12.19 33.03
CA PRO C 46 9.42 10.82 33.56
C PRO C 46 8.01 10.28 33.68
N GLY C 47 6.98 11.12 33.59
CA GLY C 47 5.63 10.67 33.82
C GLY C 47 4.90 10.14 32.60
N GLN C 48 5.18 10.70 31.42
CA GLN C 48 4.35 10.42 30.26
C GLN C 48 5.19 10.12 29.02
N PRO C 49 4.58 9.71 27.90
CA PRO C 49 5.34 9.46 26.67
C PRO C 49 6.15 10.66 26.23
N PRO C 50 7.11 10.46 25.33
CA PRO C 50 7.92 11.59 24.84
C PRO C 50 7.10 12.55 24.00
N LYS C 51 7.64 13.76 23.86
CA LYS C 51 7.04 14.81 23.05
C LYS C 51 8.06 15.30 22.04
N LEU C 52 7.67 15.33 20.78
CA LEU C 52 8.53 15.83 19.71
C LEU C 52 8.59 17.35 19.74
N LEU C 53 9.79 17.90 19.54
CA LEU C 53 9.94 19.35 19.54
C LEU C 53 10.75 19.84 18.34
N ILE C 54 11.65 19.00 17.82
CA ILE C 54 12.46 19.34 16.65
C ILE C 54 12.42 18.18 15.67
N TYR C 55 12.13 18.49 14.40
CA TYR C 55 12.30 17.54 13.31
C TYR C 55 13.03 18.24 12.17
N TRP C 56 13.68 17.44 11.33
CA TRP C 56 14.61 17.92 10.30
C TRP C 56 15.75 18.74 10.89
N ALA C 57 16.03 18.54 12.17
CA ALA C 57 17.22 19.04 12.87
C ALA C 57 17.29 20.56 12.95
N SER C 58 16.21 21.27 12.60
CA SER C 58 16.23 22.73 12.66
C SER C 58 14.82 23.28 12.82
N THR C 59 13.87 22.70 12.12
CA THR C 59 12.48 23.16 12.18
C THR C 59 11.84 22.73 13.49
N ARG C 60 11.19 23.66 14.18
CA ARG C 60 10.53 23.38 15.45
C ARG C 60 9.09 22.94 15.23
N GLU C 61 8.66 21.98 16.04
CA GLU C 61 7.24 21.63 16.09
C GLU C 61 6.45 22.79 16.69
N SER C 62 5.29 23.06 16.09
CA SER C 62 4.44 24.13 16.59
C SER C 62 3.93 23.82 17.98
N GLY C 63 3.91 24.84 18.84
CA GLY C 63 3.48 24.68 20.21
C GLY C 63 4.58 24.62 21.24
N VAL C 64 5.84 24.77 20.84
CA VAL C 64 6.97 24.74 21.77
C VAL C 64 7.59 26.13 21.84
N PRO C 65 8.18 26.51 22.96
CA PRO C 65 8.77 27.85 23.07
C PRO C 65 10.03 27.99 22.23
N ASP C 66 10.44 29.25 22.04
CA ASP C 66 11.61 29.56 21.22
C ASP C 66 12.92 29.18 21.90
N ARG C 67 12.88 28.72 23.16
CA ARG C 67 14.11 28.34 23.85
C ARG C 67 14.81 27.20 23.12
N PHE C 68 14.08 26.15 22.80
CA PHE C 68 14.64 25.04 22.05
C PHE C 68 14.95 25.46 20.62
N SER C 69 16.01 24.89 20.05
CA SER C 69 16.42 25.22 18.70
C SER C 69 17.21 24.07 18.12
N GLY C 70 16.86 23.68 16.89
CA GLY C 70 17.60 22.64 16.19
C GLY C 70 18.77 23.24 15.41
N SER C 71 19.90 22.56 15.47
CA SER C 71 21.11 23.03 14.81
C SER C 71 21.95 21.83 14.38
N GLY C 72 22.95 22.10 13.56
CA GLY C 72 23.86 21.07 13.09
C GLY C 72 23.48 20.57 11.70
N SER C 73 24.40 19.79 11.13
CA SER C 73 24.21 19.19 9.83
C SER C 73 25.14 17.99 9.71
N GLY C 74 24.91 17.19 8.67
CA GLY C 74 25.70 16.00 8.44
C GLY C 74 25.51 14.94 9.52
N THR C 75 26.53 14.72 10.34
CA THR C 75 26.46 13.75 11.42
C THR C 75 26.65 14.38 12.79
N ASP C 76 26.68 15.71 12.87
CA ASP C 76 26.79 16.43 14.13
C ASP C 76 25.55 17.27 14.34
N PHE C 77 24.86 17.06 15.45
CA PHE C 77 23.64 17.79 15.75
C PHE C 77 23.65 18.21 17.22
N THR C 78 23.23 19.44 17.48
CA THR C 78 23.22 20.01 18.82
C THR C 78 21.85 20.58 19.13
N LEU C 79 21.31 20.24 20.29
CA LEU C 79 20.08 20.83 20.80
C LEU C 79 20.45 21.90 21.84
N THR C 80 19.84 23.08 21.70
CA THR C 80 20.19 24.23 22.52
C THR C 80 18.94 24.82 23.14
N ILE C 81 18.93 24.94 24.47
CA ILE C 81 17.88 25.62 25.21
C ILE C 81 18.45 26.95 25.71
N SER C 82 17.78 28.05 25.39
CA SER C 82 18.31 29.37 25.71
C SER C 82 18.30 29.62 27.21
N SER C 83 17.14 29.50 27.85
CA SER C 83 16.99 29.72 29.28
C SER C 83 16.36 28.49 29.90
N LEU C 84 17.14 27.73 30.66
CA LEU C 84 16.64 26.52 31.28
C LEU C 84 15.63 26.87 32.37
N GLN C 85 14.51 26.16 32.37
CA GLN C 85 13.43 26.36 33.32
C GLN C 85 13.24 25.12 34.17
N ALA C 86 12.34 25.21 35.15
CA ALA C 86 12.05 24.08 36.00
C ALA C 86 11.12 23.07 35.34
N GLU C 87 10.30 23.51 34.39
CA GLU C 87 9.33 22.62 33.76
C GLU C 87 9.97 21.72 32.71
N ASP C 88 11.00 22.20 32.02
CA ASP C 88 11.65 21.42 30.97
C ASP C 88 12.89 20.71 31.51
N VAL C 89 12.65 19.90 32.55
CA VAL C 89 13.69 19.08 33.18
C VAL C 89 13.33 17.63 32.88
N ALA C 90 14.03 17.03 31.93
CA ALA C 90 13.71 15.68 31.48
C ALA C 90 14.92 15.10 30.76
N VAL C 91 14.76 13.89 30.25
CA VAL C 91 15.77 13.23 29.42
C VAL C 91 15.43 13.48 27.96
N TYR C 92 16.44 13.84 27.18
CA TYR C 92 16.27 14.22 25.78
C TYR C 92 16.98 13.21 24.89
N TYR C 93 16.28 12.76 23.84
CA TYR C 93 16.81 11.80 22.88
C TYR C 93 16.84 12.41 21.50
N CYS C 94 17.90 12.14 20.74
CA CYS C 94 17.96 12.45 19.33
C CYS C 94 17.70 11.19 18.53
N GLN C 95 16.85 11.28 17.52
CA GLN C 95 16.43 10.15 16.71
C GLN C 95 16.49 10.51 15.24
N GLN C 96 17.00 9.57 14.44
CA GLN C 96 17.06 9.73 13.00
C GLN C 96 16.03 8.83 12.33
N TYR C 97 15.41 9.34 11.28
CA TYR C 97 14.51 8.57 10.43
C TYR C 97 15.05 8.52 9.00
N TYR C 98 16.37 8.63 8.86
CA TYR C 98 17.00 8.61 7.55
C TYR C 98 16.95 7.22 6.92
N SER C 99 17.30 6.19 7.69
CA SER C 99 17.33 4.83 7.22
C SER C 99 16.46 3.94 8.11
N THR C 100 16.15 2.76 7.59
CA THR C 100 15.38 1.75 8.31
C THR C 100 16.32 0.72 8.90
N PRO C 101 16.21 0.40 10.20
CA PRO C 101 15.22 0.96 11.13
C PRO C 101 15.66 2.28 11.74
N PRO C 102 14.71 3.10 12.18
CA PRO C 102 15.06 4.33 12.90
C PRO C 102 15.58 4.00 14.30
N THR C 103 16.61 4.73 14.71
CA THR C 103 17.26 4.49 15.99
C THR C 103 17.35 5.78 16.80
N PHE C 104 17.22 5.64 18.10
CA PHE C 104 17.30 6.75 19.04
C PHE C 104 18.68 6.80 19.68
N GLY C 105 18.94 7.89 20.39
CA GLY C 105 20.13 7.99 21.21
C GLY C 105 19.97 7.27 22.53
N GLN C 106 21.06 7.20 23.29
CA GLN C 106 20.99 6.56 24.60
C GLN C 106 20.30 7.45 25.62
N GLY C 107 20.24 8.74 25.39
CA GLY C 107 19.56 9.66 26.28
C GLY C 107 20.51 10.56 27.04
N THR C 108 20.06 11.78 27.31
CA THR C 108 20.80 12.75 28.12
C THR C 108 19.86 13.27 29.19
N LYS C 109 20.03 12.81 30.42
CA LYS C 109 19.19 13.27 31.52
C LYS C 109 19.64 14.66 31.95
N LEU C 110 18.77 15.65 31.79
CA LEU C 110 19.06 17.02 32.14
C LEU C 110 18.50 17.33 33.52
N GLU C 111 19.33 17.90 34.39
CA GLU C 111 18.92 18.29 35.73
C GLU C 111 19.28 19.75 35.98
N ILE C 112 18.56 20.37 36.91
CA ILE C 112 18.85 21.74 37.30
C ILE C 112 20.07 21.75 38.21
N LYS C 113 20.99 22.69 37.95
CA LYS C 113 22.15 22.88 38.80
C LYS C 113 21.86 24.00 39.81
N ARG C 114 22.14 23.72 41.08
CA ARG C 114 22.01 24.71 42.14
C ARG C 114 23.24 24.61 43.04
N THR C 115 23.24 25.39 44.11
CA THR C 115 24.35 25.37 45.05
C THR C 115 24.33 24.08 45.86
N VAL C 116 25.48 23.75 46.46
CA VAL C 116 25.61 22.53 47.22
C VAL C 116 24.71 22.59 48.45
N ALA C 117 23.99 21.49 48.71
CA ALA C 117 23.07 21.40 49.83
C ALA C 117 23.35 20.12 50.62
N ALA C 118 23.50 20.26 51.93
CA ALA C 118 23.78 19.10 52.76
C ALA C 118 22.50 18.32 53.05
N PRO C 119 22.55 16.99 53.05
CA PRO C 119 21.35 16.19 53.35
C PRO C 119 21.13 15.98 54.84
N SER C 120 19.92 16.25 55.32
CA SER C 120 19.58 16.00 56.71
C SER C 120 19.26 14.52 56.88
N VAL C 121 20.13 13.81 57.59
CA VAL C 121 20.04 12.36 57.66
C VAL C 121 19.06 11.96 58.75
N PHE C 122 18.28 10.92 58.49
CA PHE C 122 17.35 10.35 59.46
C PHE C 122 17.46 8.84 59.42
N ILE C 123 17.02 8.19 60.51
CA ILE C 123 17.11 6.75 60.66
C ILE C 123 15.82 6.24 61.30
N PHE C 124 15.25 5.18 60.73
CA PHE C 124 14.00 4.60 61.21
C PHE C 124 14.21 3.12 61.52
N PRO C 125 14.07 2.69 62.78
CA PRO C 125 14.18 1.27 63.10
C PRO C 125 12.98 0.51 62.57
N PRO C 126 13.07 -0.82 62.45
CA PRO C 126 11.92 -1.60 61.99
C PRO C 126 10.76 -1.53 62.98
N SER C 127 9.55 -1.58 62.43
CA SER C 127 8.36 -1.45 63.25
C SER C 127 8.08 -2.71 64.04
N ASP C 128 7.29 -2.58 65.10
CA ASP C 128 6.90 -3.73 65.91
C ASP C 128 6.07 -4.72 65.10
N GLU C 129 5.19 -4.21 64.24
CA GLU C 129 4.39 -5.09 63.39
C GLU C 129 5.26 -5.83 62.38
N GLN C 130 6.32 -5.19 61.88
CA GLN C 130 7.25 -5.88 60.99
C GLN C 130 8.08 -6.90 61.75
N LEU C 131 8.45 -6.59 62.99
CA LEU C 131 9.16 -7.57 63.81
C LEU C 131 8.29 -8.78 64.12
N LYS C 132 6.97 -8.56 64.27
CA LYS C 132 6.06 -9.68 64.44
C LYS C 132 5.96 -10.52 63.17
N SER C 133 6.26 -9.91 62.03
CA SER C 133 6.27 -10.64 60.76
C SER C 133 7.55 -11.47 60.67
N GLY C 134 7.81 -12.05 59.50
CA GLY C 134 8.95 -12.95 59.36
C GLY C 134 10.28 -12.23 59.45
N THR C 135 10.41 -11.11 58.75
CA THR C 135 11.67 -10.38 58.68
C THR C 135 11.44 -8.92 59.04
N ALA C 136 12.55 -8.20 59.20
CA ALA C 136 12.54 -6.78 59.53
C ALA C 136 13.51 -6.04 58.62
N SER C 137 13.32 -4.74 58.52
CA SER C 137 14.15 -3.90 57.66
C SER C 137 14.32 -2.52 58.28
N VAL C 138 15.50 -1.94 58.11
CA VAL C 138 15.85 -0.65 58.68
C VAL C 138 15.94 0.37 57.55
N VAL C 139 15.51 1.60 57.82
CA VAL C 139 15.41 2.66 56.82
C VAL C 139 16.30 3.82 57.22
N CYS C 140 17.22 4.18 56.35
CA CYS C 140 18.06 5.36 56.49
C CYS C 140 17.67 6.36 55.42
N LEU C 141 17.48 7.61 55.80
CA LEU C 141 16.91 8.62 54.92
C LEU C 141 17.91 9.76 54.70
N LEU C 142 18.04 10.19 53.45
CA LEU C 142 18.75 11.40 53.07
C LEU C 142 17.75 12.34 52.43
N ASN C 143 17.80 13.62 52.78
CA ASN C 143 16.76 14.55 52.37
C ASN C 143 17.35 15.88 51.93
N ASN C 144 16.84 16.39 50.81
CA ASN C 144 17.11 17.74 50.32
C ASN C 144 18.62 18.00 50.18
N PHE C 145 19.19 17.33 49.18
CA PHE C 145 20.57 17.52 48.80
C PHE C 145 20.65 17.58 47.28
N TYR C 146 21.44 18.53 46.76
CA TYR C 146 21.50 18.69 45.31
C TYR C 146 22.41 17.65 44.65
N PRO C 147 23.68 17.51 45.05
CA PRO C 147 24.52 16.49 44.39
C PRO C 147 24.07 15.08 44.75
N ARG C 148 23.44 14.38 43.80
CA ARG C 148 22.98 13.02 44.06
C ARG C 148 24.12 12.09 44.46
N GLU C 149 25.36 12.45 44.09
CA GLU C 149 26.54 11.68 44.50
C GLU C 149 26.62 11.60 46.01
N ALA C 150 26.30 10.44 46.57
CA ALA C 150 26.33 10.24 48.01
C ALA C 150 26.40 8.76 48.30
N LYS C 151 27.45 8.32 49.00
CA LYS C 151 27.60 6.93 49.39
C LYS C 151 27.19 6.76 50.84
N VAL C 152 26.30 5.82 51.10
CA VAL C 152 25.90 5.46 52.45
C VAL C 152 26.18 3.98 52.64
N GLN C 153 26.78 3.63 53.79
CA GLN C 153 27.14 2.25 54.10
C GLN C 153 26.65 1.92 55.49
N TRP C 154 25.82 0.88 55.59
CA TRP C 154 25.31 0.45 56.87
C TRP C 154 26.42 -0.18 57.71
N LYS C 155 26.44 0.13 59.00
CA LYS C 155 27.36 -0.47 59.95
C LYS C 155 26.56 -1.07 61.09
N VAL C 156 26.69 -2.38 61.27
CA VAL C 156 25.97 -3.12 62.31
C VAL C 156 27.02 -3.66 63.28
N ASP C 157 27.02 -3.12 64.50
CA ASP C 157 28.02 -3.45 65.52
C ASP C 157 29.43 -3.23 64.99
N ASN C 158 29.66 -2.05 64.43
CA ASN C 158 30.96 -1.61 63.90
C ASN C 158 31.47 -2.54 62.80
N ALA C 159 30.59 -3.30 62.16
CA ALA C 159 30.94 -4.18 61.06
C ALA C 159 30.30 -3.64 59.78
N LEU C 160 31.11 -3.46 58.75
CA LEU C 160 30.62 -2.88 57.51
C LEU C 160 29.69 -3.87 56.80
N GLN C 161 28.50 -3.39 56.45
CA GLN C 161 27.49 -4.19 55.78
C GLN C 161 27.50 -3.92 54.29
N SER C 162 27.30 -4.97 53.51
CA SER C 162 27.30 -4.86 52.05
C SER C 162 26.47 -5.99 51.47
N GLY C 163 26.01 -5.79 50.24
CA GLY C 163 25.21 -6.78 49.54
C GLY C 163 23.79 -6.92 50.02
N ASN C 164 23.40 -6.26 51.10
CA ASN C 164 22.06 -6.36 51.64
C ASN C 164 21.32 -5.02 51.68
N SER C 165 21.97 -3.92 51.30
CA SER C 165 21.35 -2.61 51.27
C SER C 165 21.02 -2.24 49.84
N GLN C 166 19.80 -1.77 49.61
CA GLN C 166 19.35 -1.35 48.29
C GLN C 166 19.07 0.14 48.32
N GLU C 167 19.89 0.90 47.60
CA GLU C 167 19.72 2.35 47.53
C GLU C 167 18.52 2.70 46.64
N SER C 168 17.98 3.89 46.86
CA SER C 168 16.82 4.35 46.10
C SER C 168 16.77 5.86 46.14
N VAL C 169 16.66 6.49 44.98
CA VAL C 169 16.69 7.94 44.85
C VAL C 169 15.41 8.39 44.16
N THR C 170 14.80 9.46 44.68
CA THR C 170 13.64 10.04 44.06
C THR C 170 14.05 11.00 42.94
N GLU C 171 13.06 11.44 42.17
CA GLU C 171 13.33 12.38 41.10
C GLU C 171 13.56 13.78 41.67
N GLN C 172 14.23 14.62 40.87
CA GLN C 172 14.58 15.95 41.32
C GLN C 172 13.32 16.78 41.56
N ASP C 173 13.24 17.37 42.77
CA ASP C 173 12.10 18.21 43.11
C ASP C 173 12.09 19.47 42.26
N SER C 174 10.89 19.89 41.84
CA SER C 174 10.76 21.04 40.96
C SER C 174 10.94 22.36 41.70
N LYS C 175 10.59 22.41 42.98
CA LYS C 175 10.61 23.67 43.72
C LYS C 175 12.02 24.01 44.19
N ASP C 176 12.67 23.09 44.91
CA ASP C 176 13.95 23.36 45.53
C ASP C 176 15.14 22.77 44.77
N SER C 177 14.88 21.96 43.74
CA SER C 177 15.94 21.38 42.90
C SER C 177 16.88 20.49 43.72
N THR C 178 16.29 19.64 44.57
CA THR C 178 17.06 18.73 45.42
C THR C 178 16.55 17.31 45.25
N TYR C 179 17.31 16.36 45.78
CA TYR C 179 16.97 14.95 45.74
C TYR C 179 16.70 14.44 47.16
N SER C 180 16.41 13.14 47.25
CA SER C 180 16.24 12.46 48.52
C SER C 180 16.51 10.97 48.30
N LEU C 181 17.19 10.35 49.25
CA LEU C 181 17.66 8.98 49.11
C LEU C 181 17.26 8.16 50.33
N SER C 182 16.95 6.89 50.10
CA SER C 182 16.59 5.96 51.17
C SER C 182 17.33 4.66 50.94
N SER C 183 18.24 4.32 51.86
CA SER C 183 18.89 3.02 51.86
C SER C 183 18.08 2.08 52.74
N THR C 184 17.77 0.89 52.22
CA THR C 184 16.94 -0.09 52.93
C THR C 184 17.79 -1.32 53.21
N LEU C 185 18.04 -1.58 54.51
CA LEU C 185 18.79 -2.73 54.96
C LEU C 185 17.83 -3.81 55.44
N THR C 186 17.85 -4.97 54.79
CA THR C 186 16.94 -6.06 55.10
C THR C 186 17.72 -7.26 55.60
N LEU C 187 17.20 -7.90 56.63
CA LEU C 187 17.79 -9.11 57.19
C LEU C 187 16.73 -9.81 58.02
N SER C 188 17.02 -11.06 58.41
CA SER C 188 16.08 -11.81 59.22
C SER C 188 15.97 -11.21 60.61
N LYS C 189 14.81 -11.40 61.24
CA LYS C 189 14.60 -10.89 62.58
C LYS C 189 15.48 -11.61 63.60
N ALA C 190 15.90 -12.84 63.31
CA ALA C 190 16.85 -13.52 64.19
C ALA C 190 18.25 -12.92 64.05
N ASP C 191 18.65 -12.58 62.83
CA ASP C 191 19.89 -11.84 62.64
C ASP C 191 19.80 -10.44 63.24
N TYR C 192 18.62 -9.83 63.14
CA TYR C 192 18.39 -8.55 63.81
C TYR C 192 18.33 -8.71 65.32
N GLU C 193 18.02 -9.91 65.81
CA GLU C 193 17.96 -10.14 67.25
C GLU C 193 19.35 -10.20 67.87
N LYS C 194 20.35 -10.66 67.10
CA LYS C 194 21.67 -10.90 67.67
C LYS C 194 22.41 -9.59 67.93
N HIS C 195 22.44 -8.71 66.95
CA HIS C 195 23.22 -7.49 67.05
C HIS C 195 22.41 -6.37 67.71
N LYS C 196 23.13 -5.42 68.29
CA LYS C 196 22.54 -4.37 69.11
C LYS C 196 22.48 -3.02 68.42
N VAL C 197 23.61 -2.52 67.92
CA VAL C 197 23.72 -1.18 67.36
C VAL C 197 23.62 -1.26 65.85
N TYR C 198 22.76 -0.42 65.26
CA TYR C 198 22.57 -0.36 63.82
C TYR C 198 22.69 1.09 63.38
N ALA C 199 23.57 1.34 62.41
CA ALA C 199 23.85 2.70 61.97
C ALA C 199 24.02 2.74 60.46
N CYS C 200 23.93 3.94 59.90
CA CYS C 200 24.17 4.18 58.48
C CYS C 200 25.09 5.39 58.35
N GLU C 201 26.38 5.13 58.07
CA GLU C 201 27.33 6.20 57.83
C GLU C 201 27.07 6.83 56.46
N VAL C 202 26.84 8.14 56.45
CA VAL C 202 26.46 8.87 55.25
C VAL C 202 27.60 9.79 54.86
N THR C 203 28.01 9.72 53.59
CA THR C 203 29.08 10.55 53.05
C THR C 203 28.52 11.41 51.92
N HIS C 204 28.81 12.70 51.96
CA HIS C 204 28.33 13.64 50.95
C HIS C 204 29.29 14.82 50.88
N GLN C 205 29.27 15.53 49.75
CA GLN C 205 30.15 16.67 49.57
C GLN C 205 29.81 17.79 50.54
N GLY C 206 28.52 18.13 50.65
CA GLY C 206 28.10 19.18 51.57
C GLY C 206 28.34 18.84 53.02
N LEU C 207 28.59 17.58 53.32
CA LEU C 207 28.92 17.14 54.68
C LEU C 207 30.42 17.27 54.89
N SER C 208 30.81 18.07 55.90
CA SER C 208 32.23 18.24 56.19
C SER C 208 32.87 16.95 56.68
N SER C 209 32.10 16.10 57.34
CA SER C 209 32.54 14.80 57.83
C SER C 209 31.38 13.82 57.73
N PRO C 210 31.67 12.54 57.63
CA PRO C 210 30.58 11.54 57.54
C PRO C 210 29.67 11.61 58.76
N VAL C 211 28.40 11.88 58.51
CA VAL C 211 27.39 11.97 59.57
C VAL C 211 26.80 10.59 59.79
N THR C 212 26.80 10.15 61.05
CA THR C 212 26.34 8.81 61.42
C THR C 212 25.15 8.94 62.37
N LYS C 213 23.98 8.50 61.91
CA LYS C 213 22.79 8.39 62.74
C LYS C 213 22.62 6.93 63.13
N SER C 214 22.63 6.67 64.44
CA SER C 214 22.63 5.30 64.96
C SER C 214 21.53 5.14 66.00
N PHE C 215 21.16 3.87 66.23
CA PHE C 215 20.19 3.53 67.26
C PHE C 215 20.55 2.15 67.79
N ASN C 216 20.02 1.84 68.98
CA ASN C 216 20.17 0.53 69.58
C ASN C 216 18.86 -0.24 69.50
N ARG C 217 18.98 -1.57 69.55
CA ARG C 217 17.80 -2.42 69.41
C ARG C 217 16.77 -2.13 70.50
N GLY C 218 17.22 -2.05 71.75
CA GLY C 218 16.33 -1.76 72.86
C GLY C 218 16.06 -0.29 73.05
N GLU C 219 15.37 0.32 72.09
CA GLU C 219 14.97 1.71 72.16
C GLU C 219 13.53 1.83 71.71
N CYS C 220 13.05 3.06 71.55
CA CYS C 220 11.70 3.26 71.03
C CYS C 220 11.75 4.13 69.78
N VAL D 2 -7.56 13.38 17.61
CA VAL D 2 -6.24 13.81 17.18
C VAL D 2 -5.18 13.12 18.05
N GLN D 3 -5.65 12.47 19.11
CA GLN D 3 -4.78 11.78 20.06
C GLN D 3 -4.92 10.27 19.90
N LEU D 4 -3.94 9.55 20.41
CA LEU D 4 -3.91 8.09 20.36
C LEU D 4 -4.08 7.54 21.78
N VAL D 5 -5.06 6.66 21.95
CA VAL D 5 -5.36 6.06 23.24
C VAL D 5 -5.03 4.58 23.16
N GLN D 6 -4.13 4.12 24.04
CA GLN D 6 -3.73 2.73 24.06
C GLN D 6 -4.57 1.94 25.06
N SER D 7 -4.35 0.63 25.10
CA SER D 7 -5.12 -0.25 25.97
C SER D 7 -4.61 -0.17 27.41
N GLY D 8 -5.36 -0.81 28.30
CA GLY D 8 -4.99 -0.80 29.70
C GLY D 8 -3.79 -1.69 29.99
N ALA D 9 -3.02 -1.28 31.00
CA ALA D 9 -1.84 -2.04 31.38
C ALA D 9 -2.24 -3.40 31.93
N GLU D 10 -1.43 -4.41 31.63
CA GLU D 10 -1.72 -5.78 32.04
C GLU D 10 -0.42 -6.49 32.35
N VAL D 11 -0.54 -7.61 33.07
CA VAL D 11 0.61 -8.41 33.47
C VAL D 11 0.41 -9.84 33.00
N LYS D 12 1.52 -10.49 32.64
CA LYS D 12 1.49 -11.84 32.12
C LYS D 12 2.69 -12.62 32.64
N LYS D 13 2.59 -13.94 32.55
CA LYS D 13 3.65 -14.86 32.93
C LYS D 13 4.54 -15.17 31.73
N PRO D 14 5.76 -15.68 31.97
CA PRO D 14 6.65 -16.00 30.84
C PRO D 14 6.01 -17.00 29.88
N GLY D 15 6.23 -16.76 28.59
CA GLY D 15 5.70 -17.61 27.55
C GLY D 15 4.29 -17.26 27.09
N ALA D 16 3.63 -16.32 27.75
CA ALA D 16 2.27 -15.94 27.40
C ALA D 16 2.29 -14.96 26.23
N SER D 17 1.12 -14.43 25.88
CA SER D 17 0.99 -13.49 24.78
C SER D 17 0.29 -12.22 25.26
N VAL D 18 0.77 -11.08 24.78
CA VAL D 18 0.19 -9.78 25.09
C VAL D 18 -0.27 -9.13 23.80
N LYS D 19 -1.44 -8.49 23.85
CA LYS D 19 -2.00 -7.80 22.69
C LYS D 19 -2.38 -6.39 23.11
N VAL D 20 -1.62 -5.41 22.62
CA VAL D 20 -1.82 -4.01 22.97
C VAL D 20 -2.55 -3.33 21.82
N SER D 21 -3.65 -2.66 22.12
CA SER D 21 -4.46 -1.96 21.13
C SER D 21 -4.21 -0.47 21.22
N CYS D 22 -3.88 0.14 20.08
CA CYS D 22 -3.61 1.58 19.98
C CYS D 22 -4.69 2.19 19.10
N LYS D 23 -5.66 2.85 19.72
CA LYS D 23 -6.77 3.47 18.98
C LYS D 23 -6.44 4.93 18.66
N ALA D 24 -6.67 5.32 17.42
CA ALA D 24 -6.47 6.68 16.97
C ALA D 24 -7.83 7.39 16.91
N SER D 25 -7.98 8.45 17.70
CA SER D 25 -9.21 9.20 17.76
C SER D 25 -9.05 10.53 17.05
N GLY D 26 -10.17 11.05 16.53
CA GLY D 26 -10.17 12.33 15.85
C GLY D 26 -9.41 12.34 14.52
N GLY D 27 -9.56 11.28 13.74
CA GLY D 27 -8.91 11.18 12.45
C GLY D 27 -8.07 9.92 12.35
N THR D 28 -7.34 9.81 11.24
CA THR D 28 -6.49 8.67 10.97
C THR D 28 -5.06 9.13 10.73
N PHE D 29 -4.10 8.24 11.04
CA PHE D 29 -2.68 8.48 10.81
C PHE D 29 -2.15 7.74 9.60
N SER D 30 -3.02 7.46 8.61
CA SER D 30 -2.62 6.66 7.48
C SER D 30 -1.63 7.35 6.55
N THR D 31 -1.55 8.69 6.62
CA THR D 31 -0.67 9.41 5.70
C THR D 31 0.79 9.05 5.91
N TYR D 32 1.19 8.85 7.17
CA TYR D 32 2.54 8.43 7.48
C TYR D 32 2.61 7.18 8.34
N GLY D 33 1.47 6.58 8.68
CA GLY D 33 1.46 5.33 9.42
C GLY D 33 1.65 5.52 10.91
N ILE D 34 1.81 4.39 11.59
CA ILE D 34 1.97 4.35 13.04
C ILE D 34 3.07 3.34 13.36
N SER D 35 4.03 3.75 14.20
CA SER D 35 5.13 2.91 14.60
C SER D 35 4.99 2.52 16.06
N TRP D 36 5.74 1.48 16.46
CA TRP D 36 5.76 1.01 17.84
C TRP D 36 7.17 1.13 18.40
N VAL D 37 7.28 1.77 19.56
CA VAL D 37 8.55 1.95 20.26
C VAL D 37 8.41 1.41 21.67
N ARG D 38 9.37 0.61 22.11
CA ARG D 38 9.38 0.07 23.46
C ARG D 38 10.51 0.68 24.26
N GLN D 39 10.30 0.81 25.57
CA GLN D 39 11.24 1.47 26.46
C GLN D 39 11.35 0.64 27.73
N ALA D 40 12.46 -0.07 27.89
CA ALA D 40 12.69 -0.80 29.13
C ALA D 40 12.80 0.20 30.29
N PRO D 41 12.24 -0.11 31.45
CA PRO D 41 12.27 0.83 32.57
C PRO D 41 13.71 1.20 32.94
N GLY D 42 14.02 2.49 32.85
CA GLY D 42 15.36 2.96 33.10
C GLY D 42 16.32 2.75 31.95
N GLN D 43 15.82 2.60 30.73
CA GLN D 43 16.66 2.39 29.55
C GLN D 43 16.18 3.30 28.42
N GLY D 44 16.80 3.16 27.26
CA GLY D 44 16.51 4.01 26.13
C GLY D 44 15.30 3.54 25.33
N LEU D 45 15.13 4.17 24.17
CA LEU D 45 14.02 3.89 23.27
C LEU D 45 14.47 2.90 22.22
N GLU D 46 13.69 1.84 22.02
CA GLU D 46 14.01 0.76 21.09
C GLU D 46 12.85 0.60 20.12
N TRP D 47 13.10 0.91 18.84
CA TRP D 47 12.09 0.79 17.81
C TRP D 47 11.72 -0.68 17.59
N MET D 48 10.47 -0.91 17.23
CA MET D 48 9.96 -2.26 17.03
C MET D 48 9.40 -2.51 15.65
N GLY D 49 8.62 -1.58 15.11
CA GLY D 49 8.06 -1.78 13.78
C GLY D 49 7.08 -0.69 13.42
N TRP D 50 6.55 -0.81 12.20
CA TRP D 50 5.63 0.15 11.62
C TRP D 50 4.48 -0.59 10.97
N ILE D 51 3.32 0.09 10.88
CA ILE D 51 2.12 -0.51 10.31
C ILE D 51 1.29 0.58 9.66
N SER D 52 0.53 0.19 8.63
CA SER D 52 -0.39 1.11 7.95
C SER D 52 -1.81 0.81 8.42
N PRO D 53 -2.48 1.76 9.08
CA PRO D 53 -3.80 1.46 9.68
C PRO D 53 -4.94 1.38 8.67
N ASN D 54 -4.91 2.21 7.63
CA ASN D 54 -6.03 2.23 6.69
C ASN D 54 -5.97 1.08 5.69
N SER D 55 -4.78 0.61 5.34
CA SER D 55 -4.61 -0.47 4.37
C SER D 55 -4.19 -1.78 4.99
N GLY D 56 -3.13 -1.77 5.80
CA GLY D 56 -2.53 -2.96 6.32
C GLY D 56 -1.07 -3.07 5.90
N GLY D 57 -0.47 -4.20 6.26
CA GLY D 57 0.93 -4.42 5.96
C GLY D 57 1.85 -3.89 7.04
N THR D 58 2.93 -4.61 7.30
CA THR D 58 3.81 -4.29 8.43
C THR D 58 5.25 -4.17 7.95
N ASP D 59 6.09 -3.68 8.86
CA ASP D 59 7.54 -3.67 8.67
C ASP D 59 8.16 -3.82 10.06
N LEU D 60 9.00 -4.84 10.24
CA LEU D 60 9.46 -5.23 11.56
C LEU D 60 10.98 -5.20 11.63
N ALA D 61 11.49 -5.10 12.86
CA ALA D 61 12.92 -5.21 13.10
C ALA D 61 13.32 -6.67 13.23
N GLN D 62 14.62 -6.93 13.06
CA GLN D 62 15.11 -8.30 13.02
C GLN D 62 14.98 -8.99 14.36
N LYS D 63 15.16 -8.25 15.46
CA LYS D 63 15.16 -8.86 16.79
C LYS D 63 13.77 -9.30 17.22
N PHE D 64 12.72 -8.76 16.61
CA PHE D 64 11.34 -9.09 16.95
C PHE D 64 10.62 -9.84 15.84
N GLN D 65 11.27 -10.06 14.69
CA GLN D 65 10.60 -10.56 13.50
C GLN D 65 9.77 -11.80 13.78
N GLY D 66 10.27 -12.71 14.63
CA GLY D 66 9.56 -13.94 14.91
C GLY D 66 8.50 -13.84 15.98
N ARG D 67 8.55 -12.81 16.81
CA ARG D 67 7.65 -12.71 17.97
C ARG D 67 6.54 -11.68 17.79
N VAL D 68 6.81 -10.55 17.14
CA VAL D 68 5.83 -9.48 17.04
C VAL D 68 4.82 -9.81 15.94
N THR D 69 3.56 -9.46 16.18
CA THR D 69 2.49 -9.64 15.21
C THR D 69 1.62 -8.39 15.24
N MET D 70 1.74 -7.54 14.23
CA MET D 70 0.97 -6.32 14.15
C MET D 70 -0.28 -6.54 13.32
N THR D 71 -1.42 -6.12 13.84
CA THR D 71 -2.72 -6.42 13.25
C THR D 71 -3.48 -5.13 12.96
N ARG D 72 -4.10 -5.07 11.80
CA ARG D 72 -4.99 -3.98 11.45
C ARG D 72 -6.34 -4.17 12.14
N ASP D 73 -7.05 -3.06 12.32
CA ASP D 73 -8.34 -3.11 13.00
C ASP D 73 -9.40 -3.71 12.11
N THR D 74 -10.34 -4.44 12.73
CA THR D 74 -11.55 -4.81 12.02
C THR D 74 -12.42 -3.58 11.78
N SER D 75 -12.48 -2.67 12.76
CA SER D 75 -13.18 -1.40 12.65
C SER D 75 -12.69 -0.51 13.79
N THR D 76 -13.38 0.63 13.97
CA THR D 76 -13.12 1.61 15.02
C THR D 76 -11.75 2.28 14.90
N SER D 77 -11.04 2.07 13.79
CA SER D 77 -9.79 2.76 13.48
C SER D 77 -8.75 2.58 14.60
N THR D 78 -8.49 1.32 14.95
CA THR D 78 -7.50 0.99 15.96
C THR D 78 -6.33 0.26 15.31
N VAL D 79 -5.31 -0.02 16.12
CA VAL D 79 -4.15 -0.80 15.69
C VAL D 79 -3.77 -1.74 16.84
N TYR D 80 -3.41 -2.98 16.50
CA TYR D 80 -3.07 -3.98 17.48
C TYR D 80 -1.62 -4.43 17.30
N MET D 81 -1.12 -5.13 18.31
CA MET D 81 0.25 -5.65 18.29
C MET D 81 0.35 -6.79 19.29
N GLU D 82 0.86 -7.93 18.84
CA GLU D 82 1.00 -9.11 19.69
C GLU D 82 2.47 -9.45 19.90
N LEU D 83 2.75 -10.05 21.06
CA LEU D 83 4.09 -10.50 21.41
C LEU D 83 3.97 -11.83 22.13
N SER D 84 4.56 -12.87 21.55
CA SER D 84 4.49 -14.22 22.10
C SER D 84 5.86 -14.64 22.62
N SER D 85 5.87 -15.78 23.32
CA SER D 85 7.08 -16.32 23.95
C SER D 85 7.78 -15.25 24.78
N LEU D 86 7.01 -14.67 25.70
CA LEU D 86 7.49 -13.55 26.49
C LEU D 86 8.61 -13.98 27.43
N ARG D 87 9.66 -13.18 27.46
CA ARG D 87 10.78 -13.35 28.37
C ARG D 87 10.71 -12.29 29.47
N SER D 88 11.54 -12.47 30.49
CA SER D 88 11.58 -11.49 31.58
C SER D 88 12.07 -10.13 31.10
N GLU D 89 12.92 -10.12 30.07
CA GLU D 89 13.43 -8.87 29.52
C GLU D 89 12.38 -8.09 28.74
N ASP D 90 11.26 -8.71 28.39
CA ASP D 90 10.20 -8.01 27.66
C ASP D 90 9.41 -7.06 28.53
N THR D 91 9.62 -7.08 29.85
CA THR D 91 8.91 -6.18 30.76
C THR D 91 9.31 -4.74 30.46
N ALA D 92 8.39 -3.96 29.92
CA ALA D 92 8.67 -2.58 29.53
C ALA D 92 7.33 -1.90 29.24
N VAL D 93 7.40 -0.63 28.86
CA VAL D 93 6.24 0.15 28.44
C VAL D 93 6.31 0.31 26.93
N TYR D 94 5.18 0.09 26.27
CA TYR D 94 5.11 0.07 24.81
C TYR D 94 4.26 1.23 24.31
N TYR D 95 4.85 2.09 23.49
CA TYR D 95 4.17 3.24 22.92
C TYR D 95 3.94 3.04 21.43
N CYS D 96 2.83 3.60 20.93
CA CYS D 96 2.58 3.68 19.50
C CYS D 96 2.85 5.12 19.06
N ALA D 97 3.92 5.31 18.30
CA ALA D 97 4.44 6.63 17.99
C ALA D 97 3.87 7.16 16.68
N SER D 98 3.93 8.48 16.53
CA SER D 98 3.54 9.16 15.31
C SER D 98 4.80 9.67 14.60
N ASP D 99 4.69 9.81 13.28
CA ASP D 99 5.84 10.25 12.50
C ASP D 99 6.10 11.73 12.75
N PRO D 100 7.37 12.14 12.87
CA PRO D 100 7.66 13.55 13.20
C PRO D 100 7.20 14.54 12.14
N ARG D 101 6.98 14.12 10.90
CA ARG D 101 6.83 15.05 9.79
C ARG D 101 5.41 15.16 9.26
N ASP D 102 4.42 14.61 9.96
CA ASP D 102 3.02 14.76 9.56
C ASP D 102 2.41 15.93 10.31
N ASP D 103 1.86 16.89 9.56
CA ASP D 103 1.25 18.07 10.16
C ASP D 103 -0.26 17.93 10.32
N ILE D 104 -0.86 16.86 9.80
CA ILE D 104 -2.29 16.64 9.97
C ILE D 104 -2.63 16.50 11.44
N ALA D 105 -1.81 15.77 12.19
CA ALA D 105 -1.94 15.66 13.64
C ALA D 105 -0.56 15.85 14.25
N GLY D 106 -0.44 16.83 15.15
CA GLY D 106 0.82 17.15 15.77
C GLY D 106 1.51 15.97 16.42
N GLY D 107 2.84 16.03 16.51
CA GLY D 107 3.62 14.96 17.08
C GLY D 107 3.21 14.60 18.49
N TYR D 108 2.33 13.60 18.63
CA TYR D 108 1.84 13.16 19.92
C TYR D 108 1.68 11.65 19.90
N TRP D 109 2.20 10.99 20.94
CA TRP D 109 2.14 9.54 21.05
C TRP D 109 0.92 9.16 21.91
N GLY D 110 0.91 7.93 22.42
CA GLY D 110 -0.18 7.49 23.27
C GLY D 110 0.29 7.12 24.67
N GLN D 111 -0.65 7.06 25.60
CA GLN D 111 -0.32 6.62 26.96
C GLN D 111 0.15 5.18 26.94
N GLY D 112 1.40 4.96 27.31
CA GLY D 112 2.03 3.66 27.11
C GLY D 112 1.40 2.59 27.99
N THR D 113 1.00 1.49 27.36
CA THR D 113 0.49 0.32 28.09
C THR D 113 1.67 -0.44 28.64
N LEU D 114 1.83 -0.41 29.97
CA LEU D 114 2.94 -1.11 30.62
C LEU D 114 2.57 -2.58 30.83
N VAL D 115 3.41 -3.47 30.32
CA VAL D 115 3.28 -4.90 30.57
C VAL D 115 4.49 -5.34 31.38
N THR D 116 4.25 -6.27 32.31
CA THR D 116 5.30 -6.80 33.18
C THR D 116 5.27 -8.31 33.12
N VAL D 117 6.39 -8.90 32.73
CA VAL D 117 6.54 -10.36 32.67
C VAL D 117 7.40 -10.79 33.85
N SER D 118 6.81 -11.56 34.75
CA SER D 118 7.52 -12.05 35.93
C SER D 118 6.82 -13.28 36.45
N SER D 119 7.60 -14.24 36.97
CA SER D 119 7.03 -15.48 37.48
C SER D 119 6.17 -15.26 38.71
N ALA D 120 6.38 -14.17 39.44
CA ALA D 120 5.63 -13.90 40.65
C ALA D 120 4.16 -13.64 40.32
N SER D 121 3.28 -14.15 41.17
CA SER D 121 1.85 -13.96 40.99
C SER D 121 1.40 -12.63 41.60
N THR D 122 0.13 -12.29 41.36
CA THR D 122 -0.43 -11.07 41.94
C THR D 122 -0.52 -11.20 43.45
N LYS D 123 -0.02 -10.18 44.16
CA LYS D 123 0.04 -10.22 45.62
C LYS D 123 -0.20 -8.82 46.16
N GLY D 124 -0.82 -8.76 47.34
CA GLY D 124 -1.07 -7.50 48.01
C GLY D 124 0.10 -7.06 48.85
N PRO D 125 0.15 -5.76 49.17
CA PRO D 125 1.26 -5.22 49.94
C PRO D 125 1.05 -5.29 51.44
N SER D 126 2.17 -5.44 52.15
CA SER D 126 2.20 -5.34 53.61
C SER D 126 2.74 -3.96 53.98
N VAL D 127 1.98 -3.23 54.79
CA VAL D 127 2.29 -1.84 55.12
C VAL D 127 2.67 -1.77 56.61
N PHE D 128 3.82 -1.18 56.88
CA PHE D 128 4.32 -1.02 58.24
C PHE D 128 4.60 0.45 58.51
N PRO D 129 4.20 0.98 59.66
CA PRO D 129 4.43 2.40 59.94
C PRO D 129 5.88 2.70 60.25
N LEU D 130 6.24 3.98 60.12
CA LEU D 130 7.57 4.48 60.45
C LEU D 130 7.43 5.56 61.51
N ALA D 131 8.18 5.42 62.61
CA ALA D 131 7.99 6.28 63.77
C ALA D 131 9.02 7.41 63.82
N PRO D 132 8.55 8.63 64.10
CA PRO D 132 9.45 9.78 64.28
C PRO D 132 9.98 9.88 65.70
N SER D 133 11.27 10.22 65.80
CA SER D 133 11.96 10.27 67.09
C SER D 133 13.23 11.09 66.99
N SER D 134 14.39 10.44 67.16
CA SER D 134 15.69 11.07 67.02
C SER D 134 15.81 11.68 65.63
N LYS D 135 15.50 12.98 65.51
CA LYS D 135 15.27 13.58 64.21
C LYS D 135 15.25 15.10 64.34
N SER D 136 14.96 15.75 63.20
CA SER D 136 14.47 17.12 63.13
C SER D 136 15.52 18.19 63.43
N THR D 137 15.13 19.45 63.23
CA THR D 137 15.90 20.61 63.65
C THR D 137 15.00 21.57 64.43
N THR D 141 12.26 20.21 62.04
CA THR D 141 11.29 19.55 61.19
C THR D 141 11.46 18.03 61.24
N ALA D 142 10.54 17.35 61.90
CA ALA D 142 10.61 15.90 62.04
C ALA D 142 10.09 15.22 60.78
N ALA D 143 10.68 14.07 60.46
CA ALA D 143 10.34 13.31 59.25
C ALA D 143 9.76 11.96 59.63
N LEU D 144 8.65 11.61 59.00
CA LEU D 144 8.02 10.32 59.21
C LEU D 144 7.57 9.78 57.85
N GLY D 145 7.10 8.53 57.86
CA GLY D 145 6.66 7.93 56.62
C GLY D 145 6.02 6.58 56.84
N CYS D 146 5.96 5.80 55.76
CA CYS D 146 5.42 4.46 55.78
C CYS D 146 6.27 3.56 54.90
N LEU D 147 6.12 2.26 55.10
CA LEU D 147 6.88 1.25 54.35
C LEU D 147 5.89 0.24 53.78
N VAL D 148 5.92 0.07 52.47
CA VAL D 148 5.16 -0.96 51.79
C VAL D 148 6.14 -1.99 51.24
N LYS D 149 5.85 -3.27 51.43
CA LYS D 149 6.79 -4.32 51.09
C LYS D 149 6.05 -5.52 50.51
N ASP D 150 6.74 -6.23 49.61
CA ASP D 150 6.26 -7.49 49.04
C ASP D 150 4.93 -7.29 48.31
N TYR D 151 4.98 -6.46 47.26
CA TYR D 151 3.81 -6.21 46.44
C TYR D 151 4.16 -6.38 44.98
N PHE D 152 3.24 -6.99 44.22
CA PHE D 152 3.37 -7.26 42.80
C PHE D 152 1.96 -7.36 42.26
N PRO D 153 1.68 -6.76 41.09
CA PRO D 153 2.63 -5.99 40.28
C PRO D 153 2.53 -4.48 40.49
N GLU D 154 3.57 -3.76 40.07
CA GLU D 154 3.49 -2.32 39.99
C GLU D 154 2.40 -1.93 38.99
N PRO D 155 1.83 -0.72 39.11
CA PRO D 155 2.14 0.39 40.02
C PRO D 155 1.38 0.37 41.34
N VAL D 156 1.82 1.22 42.27
CA VAL D 156 1.14 1.47 43.53
C VAL D 156 1.04 2.98 43.72
N THR D 157 0.08 3.40 44.54
CA THR D 157 -0.16 4.82 44.77
C THR D 157 -0.36 5.05 46.26
N VAL D 158 0.39 6.00 46.81
CA VAL D 158 0.30 6.35 48.22
C VAL D 158 -0.09 7.81 48.35
N SER D 159 -0.85 8.12 49.40
CA SER D 159 -1.25 9.48 49.70
C SER D 159 -1.18 9.69 51.21
N TRP D 160 -1.16 10.96 51.62
CA TRP D 160 -1.00 11.32 53.01
C TRP D 160 -2.20 12.13 53.49
N ASN D 161 -2.79 11.69 54.60
CA ASN D 161 -3.98 12.31 55.18
C ASN D 161 -5.09 12.44 54.16
N SER D 162 -5.25 11.40 53.34
CA SER D 162 -6.25 11.36 52.27
C SER D 162 -6.11 12.57 51.33
N GLY D 163 -4.87 12.84 50.93
CA GLY D 163 -4.58 13.91 50.00
C GLY D 163 -4.51 15.30 50.59
N ALA D 164 -4.71 15.45 51.91
CA ALA D 164 -4.65 16.77 52.51
C ALA D 164 -3.21 17.26 52.62
N LEU D 165 -2.28 16.37 52.95
CA LEU D 165 -0.88 16.72 53.11
C LEU D 165 -0.16 16.48 51.78
N THR D 166 0.22 17.56 51.11
CA THR D 166 0.84 17.48 49.80
C THR D 166 2.23 18.10 49.72
N SER D 167 2.65 18.84 50.74
CA SER D 167 3.94 19.53 50.72
C SER D 167 4.97 18.76 51.52
N GLY D 168 6.21 18.72 50.99
CA GLY D 168 7.30 18.06 51.66
C GLY D 168 7.26 16.54 51.64
N VAL D 169 6.31 15.94 50.94
CA VAL D 169 6.19 14.49 50.87
C VAL D 169 7.04 13.97 49.72
N HIS D 170 7.81 12.93 49.99
CA HIS D 170 8.66 12.29 48.99
C HIS D 170 8.29 10.82 48.89
N THR D 171 7.71 10.42 47.77
CA THR D 171 7.40 9.02 47.49
C THR D 171 8.50 8.44 46.62
N PHE D 172 9.09 7.33 47.07
CA PHE D 172 10.27 6.86 46.35
C PHE D 172 9.90 5.76 45.35
N PRO D 173 10.66 5.65 44.26
CA PRO D 173 10.40 4.57 43.31
C PRO D 173 10.67 3.21 43.92
N ALA D 174 9.87 2.22 43.53
CA ALA D 174 9.99 0.89 44.08
C ALA D 174 11.23 0.18 43.51
N VAL D 175 11.58 -0.93 44.15
CA VAL D 175 12.69 -1.78 43.71
C VAL D 175 12.22 -3.23 43.75
N LEU D 176 12.61 -3.99 42.73
CA LEU D 176 12.23 -5.39 42.66
C LEU D 176 13.18 -6.22 43.52
N GLN D 177 12.61 -7.02 44.42
CA GLN D 177 13.39 -7.90 45.27
C GLN D 177 13.61 -9.25 44.58
N SER D 178 14.58 -10.01 45.12
CA SER D 178 14.92 -11.30 44.54
C SER D 178 13.75 -12.27 44.54
N SER D 179 12.78 -12.08 45.45
CA SER D 179 11.58 -12.90 45.44
C SER D 179 10.62 -12.56 44.31
N GLY D 180 10.91 -11.50 43.55
CA GLY D 180 10.03 -11.07 42.48
C GLY D 180 8.97 -10.08 42.88
N LEU D 181 9.12 -9.43 44.03
CA LEU D 181 8.13 -8.50 44.55
C LEU D 181 8.75 -7.13 44.74
N TYR D 182 7.96 -6.09 44.47
CA TYR D 182 8.42 -4.73 44.64
C TYR D 182 8.22 -4.28 46.09
N SER D 183 8.92 -3.20 46.45
CA SER D 183 8.80 -2.61 47.78
C SER D 183 9.41 -1.22 47.75
N LEU D 184 8.70 -0.24 48.32
CA LEU D 184 9.16 1.14 48.38
C LEU D 184 8.82 1.71 49.74
N SER D 185 9.24 2.96 49.95
CA SER D 185 8.93 3.70 51.18
C SER D 185 8.66 5.14 50.82
N SER D 186 7.58 5.70 51.39
CA SER D 186 7.19 7.08 51.17
C SER D 186 7.23 7.82 52.50
N VAL D 187 7.84 9.01 52.49
CA VAL D 187 8.05 9.79 53.71
C VAL D 187 7.53 11.19 53.50
N VAL D 188 7.54 11.97 54.58
CA VAL D 188 7.10 13.36 54.56
C VAL D 188 7.71 14.06 55.77
N THR D 189 8.08 15.33 55.58
CA THR D 189 8.66 16.14 56.64
C THR D 189 7.60 17.11 57.16
N VAL D 190 7.29 17.03 58.44
CA VAL D 190 6.31 17.91 59.07
C VAL D 190 6.99 18.65 60.22
N PRO D 191 6.53 19.84 60.60
CA PRO D 191 7.14 20.54 61.73
C PRO D 191 7.01 19.73 63.01
N SER D 192 8.09 19.72 63.80
CA SER D 192 8.11 18.97 65.05
C SER D 192 7.10 19.50 66.07
N SER D 193 6.53 20.68 65.84
CA SER D 193 5.51 21.23 66.74
C SER D 193 4.16 20.57 66.54
N SER D 194 3.91 19.97 65.38
CA SER D 194 2.61 19.45 65.02
C SER D 194 2.46 17.94 65.26
N LEU D 195 3.42 17.34 65.96
CA LEU D 195 3.35 15.89 66.21
C LEU D 195 2.13 15.56 67.07
N GLY D 196 1.93 16.32 68.15
CA GLY D 196 0.74 16.16 68.97
C GLY D 196 -0.44 17.00 68.52
N THR D 197 -0.23 17.88 67.54
CA THR D 197 -1.32 18.71 67.06
C THR D 197 -2.17 17.98 66.03
N GLN D 198 -1.54 17.23 65.12
CA GLN D 198 -2.25 16.58 64.03
C GLN D 198 -1.69 15.18 63.81
N THR D 199 -2.58 14.20 63.75
CA THR D 199 -2.19 12.83 63.43
C THR D 199 -1.95 12.68 61.93
N TYR D 200 -1.26 11.60 61.57
CA TYR D 200 -0.91 11.34 60.18
C TYR D 200 -1.25 9.89 59.83
N ILE D 201 -1.71 9.69 58.60
CA ILE D 201 -2.02 8.36 58.08
C ILE D 201 -1.58 8.30 56.62
N CYS D 202 -1.07 7.14 56.22
CA CYS D 202 -0.67 6.90 54.83
C CYS D 202 -1.69 5.97 54.19
N ASN D 203 -2.19 6.37 53.02
CA ASN D 203 -3.19 5.60 52.29
C ASN D 203 -2.53 5.05 51.02
N VAL D 204 -2.15 3.78 51.06
CA VAL D 204 -1.56 3.10 49.91
C VAL D 204 -2.67 2.31 49.22
N ASN D 205 -2.60 2.23 47.88
CA ASN D 205 -3.64 1.59 47.09
C ASN D 205 -2.98 0.75 46.01
N HIS D 206 -3.31 -0.53 45.97
CA HIS D 206 -2.80 -1.47 44.98
C HIS D 206 -3.96 -1.83 44.06
N LYS D 207 -4.05 -1.13 42.93
CA LYS D 207 -5.14 -1.36 41.99
C LYS D 207 -5.18 -2.79 41.44
N PRO D 208 -4.06 -3.43 41.06
CA PRO D 208 -4.17 -4.82 40.57
C PRO D 208 -4.81 -5.77 41.57
N SER D 209 -4.41 -5.70 42.83
CA SER D 209 -5.01 -6.55 43.86
C SER D 209 -6.25 -5.92 44.49
N ASN D 210 -6.54 -4.66 44.18
CA ASN D 210 -7.71 -3.95 44.74
C ASN D 210 -7.72 -3.99 46.26
N THR D 211 -6.60 -3.58 46.85
CA THR D 211 -6.43 -3.56 48.29
C THR D 211 -6.17 -2.12 48.75
N LYS D 212 -7.02 -1.63 49.65
CA LYS D 212 -6.87 -0.30 50.24
C LYS D 212 -6.72 -0.45 51.74
N VAL D 213 -5.57 -0.04 52.27
CA VAL D 213 -5.28 -0.12 53.69
C VAL D 213 -4.77 1.23 54.17
N ASP D 214 -5.26 1.66 55.33
CA ASP D 214 -4.86 2.92 55.95
C ASP D 214 -4.04 2.58 57.20
N LYS D 215 -2.83 3.12 57.26
CA LYS D 215 -1.93 2.85 58.38
C LYS D 215 -1.77 4.12 59.21
N LYS D 216 -2.12 4.03 60.49
CA LYS D 216 -2.01 5.15 61.41
C LYS D 216 -0.60 5.13 62.02
N VAL D 217 0.20 6.12 61.67
CA VAL D 217 1.55 6.25 62.22
C VAL D 217 1.48 7.04 63.52
N GLU D 218 2.06 6.49 64.58
CA GLU D 218 2.05 7.12 65.88
C GLU D 218 3.48 7.40 66.32
N PRO D 219 3.80 8.62 66.73
CA PRO D 219 5.16 8.94 67.13
C PRO D 219 5.55 8.24 68.42
N LYS D 220 6.83 7.95 68.56
CA LYS D 220 7.36 7.28 69.73
C LYS D 220 7.67 8.28 70.83
N SER D 221 7.68 7.78 72.08
CA SER D 221 7.92 8.64 73.23
C SER D 221 9.30 9.25 73.17
N CYS D 222 10.29 8.50 72.72
CA CYS D 222 11.68 8.95 72.64
C CYS D 222 11.92 9.66 71.31
N THR E 15 -22.63 27.10 -38.75
CA THR E 15 -21.45 26.93 -37.93
C THR E 15 -21.82 26.49 -36.52
N ASN E 16 -21.43 25.27 -36.17
CA ASN E 16 -21.76 24.71 -34.86
C ASN E 16 -20.99 25.42 -33.76
N LEU E 17 -21.62 25.52 -32.58
CA LEU E 17 -20.98 26.13 -31.43
C LEU E 17 -20.11 25.11 -30.69
N CYS E 18 -19.28 25.63 -29.79
CA CYS E 18 -18.41 24.73 -29.05
C CYS E 18 -19.15 24.13 -27.85
N PRO E 19 -19.00 22.82 -27.63
CA PRO E 19 -19.66 22.19 -26.47
C PRO E 19 -18.92 22.49 -25.17
N PHE E 20 -19.06 23.74 -24.70
CA PHE E 20 -18.42 24.12 -23.45
C PHE E 20 -19.26 23.72 -22.25
N GLY E 21 -20.58 23.76 -22.37
CA GLY E 21 -21.40 23.12 -21.37
C GLY E 21 -21.22 21.63 -21.26
N GLU E 22 -20.32 21.05 -22.05
CA GLU E 22 -20.01 19.62 -21.97
C GLU E 22 -18.92 19.34 -20.96
N VAL E 23 -18.04 20.30 -20.71
CA VAL E 23 -16.98 20.16 -19.72
C VAL E 23 -17.32 20.85 -18.41
N PHE E 24 -17.99 22.01 -18.48
CA PHE E 24 -18.36 22.73 -17.27
C PHE E 24 -19.54 22.11 -16.56
N ASN E 25 -20.41 21.42 -17.30
CA ASN E 25 -21.56 20.75 -16.72
C ASN E 25 -21.39 19.23 -16.73
N ALA E 26 -20.14 18.76 -16.87
CA ALA E 26 -19.82 17.34 -16.82
C ALA E 26 -20.15 16.76 -15.46
N THR E 27 -21.19 15.92 -15.39
CA THR E 27 -21.75 15.38 -14.16
C THR E 27 -20.69 14.85 -13.19
N ARG E 28 -19.58 14.35 -13.72
CA ARG E 28 -18.48 13.88 -12.88
C ARG E 28 -17.18 14.54 -13.33
N PHE E 29 -16.33 14.84 -12.36
CA PHE E 29 -15.00 15.39 -12.62
C PHE E 29 -13.95 14.40 -12.16
N ALA E 30 -12.71 14.67 -12.53
CA ALA E 30 -11.59 13.78 -12.25
C ALA E 30 -10.70 14.36 -11.17
N SER E 31 -9.84 13.50 -10.62
CA SER E 31 -8.85 13.93 -9.65
C SER E 31 -7.71 14.68 -10.35
N VAL E 32 -6.85 15.29 -9.54
CA VAL E 32 -5.78 16.11 -10.11
C VAL E 32 -4.66 15.24 -10.63
N TYR E 33 -4.38 14.11 -9.96
CA TYR E 33 -3.34 13.21 -10.46
C TYR E 33 -3.75 12.55 -11.77
N ALA E 34 -5.05 12.55 -12.10
CA ALA E 34 -5.55 12.03 -13.37
C ALA E 34 -6.49 13.07 -13.97
N TRP E 35 -5.94 14.23 -14.32
CA TRP E 35 -6.73 15.34 -14.85
C TRP E 35 -7.16 15.04 -16.28
N ASN E 36 -8.47 15.09 -16.53
CA ASN E 36 -9.00 14.81 -17.85
C ASN E 36 -8.64 15.94 -18.80
N ARG E 37 -8.44 15.58 -20.08
CA ARG E 37 -8.08 16.53 -21.12
C ARG E 37 -9.06 16.37 -22.28
N LYS E 38 -9.69 17.47 -22.68
CA LYS E 38 -10.61 17.50 -23.82
C LYS E 38 -10.01 18.30 -24.96
N ARG E 39 -10.28 17.87 -26.19
CA ARG E 39 -9.84 18.57 -27.39
C ARG E 39 -11.05 19.22 -28.04
N ILE E 40 -11.02 20.53 -28.17
CA ILE E 40 -12.12 21.32 -28.71
C ILE E 40 -11.66 21.94 -30.02
N SER E 41 -12.43 21.73 -31.08
CA SER E 41 -12.10 22.27 -32.39
C SER E 41 -13.35 22.25 -33.26
N ASN E 42 -13.26 22.93 -34.40
CA ASN E 42 -14.33 22.98 -35.39
C ASN E 42 -15.63 23.51 -34.79
N CYS E 43 -15.55 24.70 -34.21
CA CYS E 43 -16.71 25.31 -33.56
C CYS E 43 -16.37 26.75 -33.23
N VAL E 44 -17.40 27.51 -32.88
CA VAL E 44 -17.29 28.90 -32.45
C VAL E 44 -17.64 28.96 -30.97
N ALA E 45 -16.75 29.59 -30.18
CA ALA E 45 -16.91 29.68 -28.74
C ALA E 45 -17.11 31.13 -28.32
N ASP E 46 -18.07 31.36 -27.43
CA ASP E 46 -18.36 32.69 -26.90
C ASP E 46 -17.80 32.75 -25.48
N TYR E 47 -16.60 33.34 -25.35
CA TYR E 47 -15.95 33.43 -24.06
C TYR E 47 -16.52 34.54 -23.18
N SER E 48 -17.14 35.56 -23.78
CA SER E 48 -17.70 36.65 -22.99
C SER E 48 -18.86 36.17 -22.13
N VAL E 49 -19.54 35.10 -22.55
CA VAL E 49 -20.61 34.54 -21.72
C VAL E 49 -20.04 33.90 -20.47
N LEU E 50 -18.89 33.24 -20.58
CA LEU E 50 -18.29 32.56 -19.44
C LEU E 50 -17.64 33.54 -18.47
N TYR E 51 -17.08 34.64 -18.98
CA TYR E 51 -16.44 35.60 -18.09
C TYR E 51 -17.46 36.33 -17.22
N ASN E 52 -18.61 36.66 -17.79
CA ASN E 52 -19.66 37.39 -17.09
C ASN E 52 -20.72 36.46 -16.49
N SER E 53 -20.40 35.18 -16.31
CA SER E 53 -21.39 34.24 -15.80
C SER E 53 -21.68 34.46 -14.32
N ALA E 54 -20.74 35.04 -13.59
CA ALA E 54 -20.82 35.27 -12.15
C ALA E 54 -21.00 33.97 -11.36
N SER E 55 -20.77 32.82 -11.98
CA SER E 55 -20.85 31.53 -11.30
C SER E 55 -19.47 30.93 -11.00
N PHE E 56 -18.40 31.59 -11.45
CA PHE E 56 -17.05 31.12 -11.21
C PHE E 56 -16.38 32.02 -10.18
N SER E 57 -15.86 31.42 -9.11
CA SER E 57 -15.19 32.20 -8.07
C SER E 57 -13.86 32.77 -8.57
N THR E 58 -13.19 32.08 -9.48
CA THR E 58 -11.90 32.51 -10.00
C THR E 58 -11.89 32.34 -11.50
N PHE E 59 -11.54 33.43 -12.22
CA PHE E 59 -11.47 33.44 -13.68
C PHE E 59 -10.24 34.28 -14.05
N LYS E 60 -9.06 33.66 -13.99
CA LYS E 60 -7.81 34.33 -14.26
C LYS E 60 -7.21 33.84 -15.57
N CYS E 61 -6.76 34.77 -16.40
CA CYS E 61 -6.18 34.47 -17.69
C CYS E 61 -4.72 34.92 -17.73
N TYR E 62 -3.91 34.21 -18.51
CA TYR E 62 -2.49 34.48 -18.64
C TYR E 62 -2.11 34.50 -20.11
N GLY E 63 -1.43 35.56 -20.52
CA GLY E 63 -0.99 35.70 -21.91
C GLY E 63 -2.05 36.17 -22.87
N VAL E 64 -3.30 36.28 -22.45
CA VAL E 64 -4.41 36.68 -23.32
C VAL E 64 -5.32 37.62 -22.54
N SER E 65 -5.72 38.71 -23.19
CA SER E 65 -6.70 39.62 -22.61
C SER E 65 -8.10 39.01 -22.75
N PRO E 66 -8.84 38.82 -21.66
CA PRO E 66 -10.16 38.17 -21.77
C PRO E 66 -11.15 38.96 -22.60
N THR E 67 -11.05 40.29 -22.63
CA THR E 67 -11.93 41.09 -23.48
C THR E 67 -11.61 40.85 -24.95
N LYS E 68 -10.32 40.88 -25.30
CA LYS E 68 -9.91 40.63 -26.68
C LYS E 68 -9.87 39.15 -27.02
N LEU E 69 -10.14 38.27 -26.05
CA LEU E 69 -10.11 36.84 -26.31
C LEU E 69 -11.29 36.38 -27.16
N ASN E 70 -12.44 37.05 -27.03
CA ASN E 70 -13.64 36.60 -27.72
C ASN E 70 -13.49 36.72 -29.23
N ASP E 71 -13.05 37.87 -29.71
CA ASP E 71 -12.87 38.10 -31.15
C ASP E 71 -11.48 37.67 -31.60
N LEU E 72 -11.17 36.40 -31.33
CA LEU E 72 -9.87 35.84 -31.64
C LEU E 72 -10.03 34.37 -32.05
N CYS E 73 -9.03 33.85 -32.75
CA CYS E 73 -9.08 32.50 -33.28
C CYS E 73 -7.83 31.73 -32.86
N PHE E 74 -8.01 30.42 -32.67
CA PHE E 74 -6.92 29.52 -32.35
C PHE E 74 -7.08 28.23 -33.14
N THR E 75 -6.00 27.45 -33.23
CA THR E 75 -6.01 26.22 -34.00
C THR E 75 -6.55 25.04 -33.22
N ASN E 76 -6.28 24.98 -31.91
CA ASN E 76 -6.76 23.89 -31.08
C ASN E 76 -6.69 24.33 -29.62
N VAL E 77 -7.78 24.16 -28.89
CA VAL E 77 -7.87 24.55 -27.50
C VAL E 77 -8.14 23.31 -26.64
N TYR E 78 -7.29 23.09 -25.65
CA TYR E 78 -7.42 21.99 -24.71
C TYR E 78 -8.15 22.44 -23.46
N ALA E 79 -8.89 21.53 -22.86
CA ALA E 79 -9.66 21.81 -21.64
C ALA E 79 -9.33 20.74 -20.60
N ASP E 80 -8.59 21.13 -19.56
CA ASP E 80 -8.22 20.23 -18.47
C ASP E 80 -9.13 20.50 -17.28
N SER E 81 -9.75 19.45 -16.75
CA SER E 81 -10.74 19.58 -15.69
C SER E 81 -10.39 18.66 -14.52
N PHE E 82 -10.52 19.20 -13.31
CA PHE E 82 -10.24 18.45 -12.09
C PHE E 82 -10.80 19.24 -10.90
N VAL E 83 -10.67 18.67 -9.71
CA VAL E 83 -11.19 19.25 -8.47
C VAL E 83 -10.07 19.32 -7.45
N ILE E 84 -9.99 20.44 -6.73
CA ILE E 84 -8.97 20.67 -5.72
C ILE E 84 -9.63 21.31 -4.50
N ARG E 85 -8.82 21.53 -3.47
CA ARG E 85 -9.24 22.32 -2.33
C ARG E 85 -9.25 23.81 -2.69
N GLY E 86 -10.00 24.58 -1.91
CA GLY E 86 -10.04 26.02 -2.13
C GLY E 86 -8.69 26.67 -1.90
N ASP E 87 -7.93 26.18 -0.92
CA ASP E 87 -6.60 26.71 -0.65
C ASP E 87 -5.62 26.43 -1.78
N GLU E 88 -5.90 25.44 -2.63
CA GLU E 88 -4.99 25.02 -3.68
C GLU E 88 -5.34 25.59 -5.04
N VAL E 89 -6.41 26.39 -5.14
CA VAL E 89 -6.73 27.07 -6.39
C VAL E 89 -5.62 28.06 -6.74
N ARG E 90 -4.92 28.58 -5.72
CA ARG E 90 -3.80 29.48 -5.96
C ARG E 90 -2.66 28.81 -6.69
N GLN E 91 -2.55 27.48 -6.59
CA GLN E 91 -1.42 26.78 -7.19
C GLN E 91 -1.60 26.50 -8.68
N ILE E 92 -2.83 26.57 -9.19
CA ILE E 92 -3.08 26.35 -10.61
C ILE E 92 -2.77 27.64 -11.36
N ALA E 93 -1.48 27.94 -11.52
CA ALA E 93 -1.04 29.15 -12.19
C ALA E 93 0.42 28.95 -12.58
N PRO E 94 0.91 29.69 -13.58
CA PRO E 94 2.31 29.52 -14.01
C PRO E 94 3.28 29.88 -12.90
N GLY E 95 4.33 29.06 -12.77
CA GLY E 95 5.39 29.33 -11.82
C GLY E 95 4.99 29.24 -10.36
N GLN E 96 4.05 28.36 -10.04
CA GLN E 96 3.62 28.19 -8.65
C GLN E 96 4.37 27.04 -7.99
N THR E 97 4.33 27.03 -6.66
CA THR E 97 4.99 26.01 -5.86
C THR E 97 3.98 25.43 -4.87
N GLY E 98 4.05 24.13 -4.66
CA GLY E 98 3.14 23.47 -3.75
C GLY E 98 3.01 22.01 -4.09
N LYS E 99 2.14 21.33 -3.34
CA LYS E 99 1.92 19.91 -3.56
C LYS E 99 1.13 19.66 -4.85
N ILE E 100 0.34 20.62 -5.29
CA ILE E 100 -0.42 20.47 -6.52
C ILE E 100 0.44 20.78 -7.74
N ALA E 101 1.06 21.96 -7.76
CA ALA E 101 1.81 22.39 -8.93
C ALA E 101 3.04 21.51 -9.16
N ASP E 102 3.70 21.07 -8.10
CA ASP E 102 4.90 20.25 -8.26
C ASP E 102 4.56 18.81 -8.64
N TYR E 103 3.48 18.26 -8.08
CA TYR E 103 3.22 16.84 -8.16
C TYR E 103 1.92 16.45 -8.85
N ASN E 104 0.93 17.33 -8.89
CA ASN E 104 -0.37 16.99 -9.45
C ASN E 104 -0.58 17.52 -10.86
N TYR E 105 -0.41 18.82 -11.07
CA TYR E 105 -0.71 19.42 -12.37
C TYR E 105 0.09 20.71 -12.48
N LYS E 106 1.07 20.73 -13.39
CA LYS E 106 1.95 21.88 -13.57
C LYS E 106 1.58 22.63 -14.84
N LEU E 107 1.80 23.94 -14.82
CA LEU E 107 1.57 24.81 -15.96
C LEU E 107 2.88 25.45 -16.42
N PRO E 108 3.08 25.60 -17.73
CA PRO E 108 4.36 26.12 -18.22
C PRO E 108 4.52 27.60 -17.93
N ASP E 109 5.78 28.05 -17.98
CA ASP E 109 6.07 29.46 -17.79
C ASP E 109 5.49 30.29 -18.93
N ASP E 110 5.54 29.77 -20.15
CA ASP E 110 4.98 30.45 -21.33
C ASP E 110 3.54 30.02 -21.58
N PHE E 111 2.70 30.12 -20.55
CA PHE E 111 1.31 29.73 -20.67
C PHE E 111 0.50 30.80 -21.39
N THR E 112 -0.41 30.36 -22.27
CA THR E 112 -1.27 31.27 -23.01
C THR E 112 -2.73 30.87 -22.86
N GLY E 113 -3.10 30.33 -21.70
CA GLY E 113 -4.46 29.89 -21.45
C GLY E 113 -4.96 30.41 -20.11
N CYS E 114 -6.28 30.27 -19.93
CA CYS E 114 -6.97 30.76 -18.74
C CYS E 114 -7.19 29.65 -17.73
N VAL E 115 -7.56 30.06 -16.51
CA VAL E 115 -7.93 29.14 -15.44
C VAL E 115 -9.27 29.58 -14.87
N ILE E 116 -10.16 28.63 -14.68
CA ILE E 116 -11.53 28.90 -14.25
C ILE E 116 -11.90 27.92 -13.14
N ALA E 117 -12.20 28.45 -11.95
CA ALA E 117 -12.57 27.63 -10.80
C ALA E 117 -13.87 28.13 -10.19
N TRP E 118 -14.60 27.23 -9.55
CA TRP E 118 -15.85 27.58 -8.90
C TRP E 118 -16.12 26.60 -7.76
N ASN E 119 -16.99 27.02 -6.84
CA ASN E 119 -17.34 26.20 -5.69
C ASN E 119 -18.24 25.04 -6.11
N SER E 120 -18.02 23.88 -5.51
CA SER E 120 -18.77 22.66 -5.83
C SER E 120 -19.01 21.84 -4.58
N ASN E 121 -19.46 22.49 -3.50
CA ASN E 121 -19.67 21.78 -2.24
C ASN E 121 -20.88 20.85 -2.33
N ASN E 122 -21.95 21.30 -2.99
CA ASN E 122 -23.17 20.50 -3.07
C ASN E 122 -22.98 19.26 -3.94
N LEU E 123 -22.08 19.33 -4.93
CA LEU E 123 -21.91 18.24 -5.87
C LEU E 123 -20.84 17.24 -5.43
N ASP E 124 -19.73 17.73 -4.87
CA ASP E 124 -18.58 16.89 -4.56
C ASP E 124 -18.41 16.63 -3.07
N SER E 125 -19.42 16.96 -2.25
CA SER E 125 -19.36 16.69 -0.82
C SER E 125 -20.76 16.28 -0.36
N LYS E 126 -20.87 15.07 0.19
CA LYS E 126 -22.14 14.51 0.63
C LYS E 126 -22.07 14.20 2.13
N VAL E 127 -23.17 13.64 2.64
CA VAL E 127 -23.24 13.27 4.05
C VAL E 127 -22.20 12.20 4.35
N GLY E 128 -21.45 12.40 5.43
CA GLY E 128 -20.37 11.49 5.79
C GLY E 128 -19.08 11.71 5.04
N GLY E 129 -19.03 12.71 4.15
CA GLY E 129 -17.83 12.98 3.39
C GLY E 129 -17.85 12.32 2.03
N ASN E 130 -16.96 12.81 1.16
CA ASN E 130 -16.80 12.29 -0.20
C ASN E 130 -15.31 12.06 -0.42
N TYR E 131 -14.85 10.83 -0.20
CA TYR E 131 -13.43 10.49 -0.25
C TYR E 131 -13.04 9.85 -1.58
N ASN E 132 -13.69 10.24 -2.68
CA ASN E 132 -13.42 9.65 -3.98
C ASN E 132 -12.49 10.49 -4.85
N TYR E 133 -12.14 11.70 -4.43
CA TYR E 133 -11.18 12.53 -5.15
C TYR E 133 -9.81 12.39 -4.49
N LEU E 134 -8.79 12.14 -5.30
CA LEU E 134 -7.45 11.87 -4.82
C LEU E 134 -6.48 12.94 -5.34
N TYR E 135 -5.28 12.93 -4.77
CA TYR E 135 -4.24 13.85 -5.21
C TYR E 135 -2.87 13.23 -4.94
N ARG E 136 -1.91 13.59 -5.79
CA ARG E 136 -0.55 13.10 -5.63
C ARG E 136 0.13 13.78 -4.45
N LEU E 137 0.82 12.98 -3.62
CA LEU E 137 1.51 13.51 -2.46
C LEU E 137 3.02 13.38 -2.54
N PHE E 138 3.54 12.46 -3.36
CA PHE E 138 4.98 12.21 -3.42
C PHE E 138 5.43 11.99 -4.86
N ARG E 139 6.59 12.54 -5.19
CA ARG E 139 7.22 12.27 -6.48
C ARG E 139 8.73 12.45 -6.33
N LYS E 140 9.49 11.66 -7.10
CA LYS E 140 10.94 11.77 -7.09
C LYS E 140 11.43 13.04 -7.78
N SER E 141 10.58 13.66 -8.60
CA SER E 141 10.93 14.90 -9.27
C SER E 141 9.64 15.66 -9.58
N ASN E 142 9.77 16.96 -9.80
CA ASN E 142 8.62 17.78 -10.09
C ASN E 142 8.05 17.47 -11.47
N LEU E 143 6.74 17.66 -11.62
CA LEU E 143 6.10 17.45 -12.90
C LEU E 143 6.54 18.51 -13.91
N LYS E 144 6.74 18.06 -15.14
CA LYS E 144 6.99 18.98 -16.24
C LYS E 144 5.67 19.62 -16.69
N PRO E 145 5.73 20.73 -17.40
CA PRO E 145 4.49 21.40 -17.83
C PRO E 145 3.55 20.48 -18.57
N PHE E 146 2.29 20.47 -18.12
CA PHE E 146 1.20 19.67 -18.70
C PHE E 146 1.48 18.17 -18.65
N GLU E 147 2.33 17.73 -17.74
CA GLU E 147 2.59 16.30 -17.56
C GLU E 147 1.58 15.71 -16.58
N ARG E 148 1.30 14.42 -16.75
CA ARG E 148 0.41 13.70 -15.85
C ARG E 148 1.13 12.47 -15.32
N ASP E 149 0.85 12.13 -14.07
CA ASP E 149 1.44 10.95 -13.43
C ASP E 149 0.36 10.29 -12.57
N ILE E 150 -0.04 9.08 -12.94
CA ILE E 150 -1.06 8.33 -12.22
C ILE E 150 -0.45 7.12 -11.51
N SER E 151 0.87 7.12 -11.32
CA SER E 151 1.55 5.97 -10.74
C SER E 151 1.22 5.81 -9.27
N THR E 152 0.75 4.62 -8.88
CA THR E 152 0.57 4.27 -7.49
C THR E 152 1.77 3.52 -6.92
N GLU E 153 2.94 3.75 -7.49
CA GLU E 153 4.17 3.19 -6.94
C GLU E 153 4.45 3.82 -5.59
N ILE E 154 4.73 2.97 -4.59
CA ILE E 154 5.09 3.48 -3.27
C ILE E 154 6.32 4.37 -3.39
N TYR E 155 6.34 5.44 -2.61
CA TYR E 155 7.41 6.42 -2.69
C TYR E 155 8.52 6.10 -1.69
N GLN E 156 9.76 6.22 -2.15
CA GLN E 156 10.92 5.99 -1.30
C GLN E 156 11.28 7.32 -0.64
N ALA E 157 10.76 7.53 0.57
CA ALA E 157 11.02 8.77 1.28
C ALA E 157 12.37 8.75 1.97
N GLY E 158 12.89 7.57 2.30
CA GLY E 158 14.17 7.42 2.93
C GLY E 158 15.25 6.95 1.96
N SER E 159 16.34 6.45 2.53
CA SER E 159 17.46 5.95 1.76
C SER E 159 17.42 4.44 1.57
N THR E 160 16.37 3.77 2.05
CA THR E 160 16.24 2.32 1.89
C THR E 160 15.24 2.00 0.79
N PRO E 161 15.64 1.22 -0.22
CA PRO E 161 14.73 0.94 -1.33
C PRO E 161 13.58 0.03 -0.93
N CYS E 162 12.54 0.03 -1.76
CA CYS E 162 11.36 -0.80 -1.56
C CYS E 162 10.85 -1.24 -2.92
N ASN E 163 10.79 -2.56 -3.15
CA ASN E 163 10.29 -3.09 -4.42
C ASN E 163 8.77 -3.19 -4.36
N GLY E 164 8.14 -2.02 -4.32
CA GLY E 164 6.68 -1.96 -4.35
C GLY E 164 6.01 -2.59 -3.16
N VAL E 165 6.60 -2.42 -1.97
CA VAL E 165 6.06 -2.98 -0.74
C VAL E 165 5.99 -1.87 0.30
N GLU E 166 4.86 -1.77 1.00
CA GLU E 166 4.70 -0.74 2.01
C GLU E 166 5.57 -1.03 3.22
N GLY E 167 6.16 0.03 3.77
CA GLY E 167 6.98 -0.11 4.96
C GLY E 167 7.33 1.26 5.51
N PHE E 168 8.24 1.27 6.46
CA PHE E 168 8.74 2.53 6.99
C PHE E 168 9.53 3.26 5.92
N ASN E 169 9.23 4.55 5.75
CA ASN E 169 9.79 5.39 4.69
C ASN E 169 9.37 4.95 3.29
N CYS E 170 8.25 4.22 3.18
CA CYS E 170 7.73 3.80 1.89
C CYS E 170 6.21 3.71 2.01
N TYR E 171 5.52 4.73 1.52
CA TYR E 171 4.09 4.87 1.71
C TYR E 171 3.37 4.99 0.36
N PHE E 172 2.06 4.84 0.41
CA PHE E 172 1.22 5.03 -0.77
C PHE E 172 1.26 6.48 -1.21
N PRO E 173 1.52 6.77 -2.49
CA PRO E 173 1.70 8.16 -2.91
C PRO E 173 0.40 8.95 -3.06
N LEU E 174 -0.76 8.30 -2.98
CA LEU E 174 -2.03 8.95 -3.17
C LEU E 174 -2.74 9.13 -1.83
N GLN E 175 -3.39 10.28 -1.67
CA GLN E 175 -4.13 10.61 -0.45
C GLN E 175 -5.48 11.20 -0.84
N SER E 176 -6.51 10.86 -0.08
CA SER E 176 -7.87 11.31 -0.37
C SER E 176 -8.17 12.61 0.34
N TYR E 177 -8.90 13.50 -0.34
CA TYR E 177 -9.40 14.71 0.31
C TYR E 177 -10.54 14.36 1.26
N GLY E 178 -10.71 15.22 2.26
CA GLY E 178 -11.84 15.06 3.17
C GLY E 178 -13.15 15.39 2.49
N PHE E 179 -13.31 16.64 2.08
CA PHE E 179 -14.52 17.12 1.39
C PHE E 179 -15.78 16.81 2.19
N GLN E 180 -15.77 17.23 3.45
CA GLN E 180 -16.96 17.16 4.29
C GLN E 180 -17.86 18.36 4.01
N PRO E 181 -19.18 18.20 4.20
CA PRO E 181 -20.08 19.33 3.93
C PRO E 181 -19.85 20.52 4.84
N THR E 182 -19.59 20.28 6.13
CA THR E 182 -19.32 21.37 7.07
C THR E 182 -17.82 21.66 7.18
N ASN E 183 -17.19 21.87 6.02
CA ASN E 183 -15.77 22.16 5.93
C ASN E 183 -15.53 23.65 5.80
N GLY E 184 -14.29 24.06 5.98
CA GLY E 184 -13.87 25.41 5.67
C GLY E 184 -13.81 25.63 4.18
N VAL E 185 -13.72 26.90 3.80
CA VAL E 185 -13.68 27.25 2.38
C VAL E 185 -12.41 26.72 1.74
N GLY E 186 -11.26 26.88 2.41
CA GLY E 186 -10.00 26.41 1.87
C GLY E 186 -9.92 24.91 1.73
N TYR E 187 -10.76 24.16 2.46
CA TYR E 187 -10.82 22.71 2.37
C TYR E 187 -12.10 22.24 1.69
N GLN E 188 -12.84 23.14 1.07
CA GLN E 188 -14.06 22.86 0.33
C GLN E 188 -13.73 22.40 -1.08
N PRO E 189 -14.56 21.54 -1.69
CA PRO E 189 -14.30 21.12 -3.07
C PRO E 189 -14.55 22.25 -4.05
N TYR E 190 -13.60 22.46 -4.95
CA TYR E 190 -13.68 23.49 -5.98
C TYR E 190 -13.35 22.88 -7.32
N ARG E 191 -14.31 22.91 -8.25
CA ARG E 191 -14.09 22.42 -9.60
C ARG E 191 -13.40 23.49 -10.43
N VAL E 192 -12.33 23.12 -11.11
CA VAL E 192 -11.51 24.05 -11.88
C VAL E 192 -11.22 23.45 -13.25
N VAL E 193 -11.39 24.26 -14.29
CA VAL E 193 -11.11 23.87 -15.67
C VAL E 193 -10.09 24.84 -16.25
N VAL E 194 -9.01 24.31 -16.82
CA VAL E 194 -7.93 25.10 -17.38
C VAL E 194 -7.99 24.98 -18.89
N LEU E 195 -8.26 26.10 -19.57
CA LEU E 195 -8.26 26.15 -21.03
C LEU E 195 -6.87 26.51 -21.51
N SER E 196 -6.39 25.80 -22.53
CA SER E 196 -5.09 26.02 -23.13
C SER E 196 -5.29 26.49 -24.57
N PHE E 197 -4.77 27.67 -24.88
CA PHE E 197 -4.90 28.26 -26.22
C PHE E 197 -3.60 28.02 -26.98
N GLU E 198 -3.63 27.08 -27.91
CA GLU E 198 -2.46 26.66 -28.67
C GLU E 198 -2.71 26.96 -30.14
N LEU E 199 -1.77 27.66 -30.77
CA LEU E 199 -1.81 27.90 -32.22
C LEU E 199 -0.54 27.29 -32.82
N LEU E 200 -0.70 26.16 -33.49
CA LEU E 200 0.39 25.49 -34.18
C LEU E 200 0.22 25.67 -35.68
N HIS E 201 0.98 24.90 -36.46
CA HIS E 201 0.94 24.99 -37.92
C HIS E 201 -0.30 24.26 -38.42
N ALA E 202 -1.44 24.94 -38.31
CA ALA E 202 -2.73 24.39 -38.69
C ALA E 202 -3.71 25.52 -38.86
N PRO E 203 -4.84 25.31 -39.54
CA PRO E 203 -5.84 26.36 -39.65
C PRO E 203 -6.51 26.63 -38.31
N ALA E 204 -6.75 27.92 -38.04
CA ALA E 204 -7.48 28.29 -36.83
C ALA E 204 -8.95 27.91 -36.97
N THR E 205 -9.47 27.16 -36.01
CA THR E 205 -10.80 26.61 -36.12
C THR E 205 -11.71 26.89 -34.93
N VAL E 206 -11.18 27.40 -33.82
CA VAL E 206 -12.00 27.82 -32.68
C VAL E 206 -11.92 29.34 -32.61
N CYS E 207 -13.05 30.00 -32.87
CA CYS E 207 -13.13 31.46 -32.89
C CYS E 207 -14.32 31.90 -32.04
N GLY E 208 -14.56 33.20 -32.04
CA GLY E 208 -15.73 33.78 -31.41
C GLY E 208 -16.52 34.62 -32.39
N PRO E 209 -17.66 35.17 -31.94
CA PRO E 209 -18.51 36.02 -32.77
C PRO E 209 -17.79 37.25 -33.31
C1 NAG F . -25.00 24.30 -17.43
C2 NAG F . -24.62 25.40 -18.45
C3 NAG F . -25.29 26.71 -18.05
C4 NAG F . -26.79 26.53 -17.89
C5 NAG F . -27.06 25.40 -16.92
C6 NAG F . -28.53 25.07 -16.74
C7 NAG F . -22.60 25.90 -19.71
C8 NAG F . -23.49 25.93 -20.93
N2 NAG F . -23.19 25.60 -18.56
O3 NAG F . -24.98 27.72 -19.00
O4 NAG F . -27.35 27.73 -17.39
O5 NAG F . -26.43 24.19 -17.36
O6 NAG F . -28.71 23.71 -16.39
O7 NAG F . -21.40 26.13 -19.79
#